data_7CTQ
#
_entry.id   7CTQ
#
_cell.length_a   88.610
_cell.length_b   51.560
_cell.length_c   101.790
_cell.angle_alpha   90.000
_cell.angle_beta   99.770
_cell.angle_gamma   90.000
#
_symmetry.space_group_name_H-M   'P 1 21 1'
#
loop_
_entity.id
_entity.type
_entity.pdbx_description
1 polymer 'Peptidyl tryptophan dihydroxylase'
2 non-polymer 'FLAVIN-ADENINE DINUCLEOTIDE'
3 non-polymer HEXANE-1,6-DIOL
4 non-polymer (2~{R},3~{R},4~{S},5~{S},6~{R})-2-[(2~{R},3~{S},4~{R},5~{R},6~{R})-6-(cyclohexylmethoxy)-2-(hydroxymethyl)-4,5-bis(oxidanyl)oxan-3-yl]oxy-6-(hydroxymethyl)oxane-3,4,5-triol
5 water water
#
_entity_poly.entity_id   1
_entity_poly.type   'polypeptide(L)'
_entity_poly.pdbx_seq_one_letter_code
;GHMAEPRIVVLGAGPAGAATAIGLRRLGYAVTVVSEWRRFAAVEGVSQRVLEGLRHVGLGGALRQAAMPATRQVHWNGQQ
LHLNQEFLLDRQRFDRALRDDLQRAGVSVVEGRVREVVRDVGHGIRLDDGQVLQADFLVEARGRQAPLAADRLRGPETVS
LLNVWQAAPGAPASAVESLADGWAWMARLEDGRCYWQVTLDAAGLPGKAGLADYCAARRADSALVTELFDARALASAEVH
ARSSTAILAGECVGQDWIRVGDAAMAVDPLSGNGIFQSLSSALQAPVVINTLLRRPERAGLARQFHQQRIEQLFLRFARI
GRDFYGQEQGRVGQPFWARRQGWPDMQALHVAADWSAVRVERRPVLRDGLVDEAEVVVTADQPLGVWHLQGVELAPAVRE
LQAGRPLEAVVSGLSGEQQRMVRRWLLEQGLV
;
_entity_poly.pdbx_strand_id   A,B
#
# COMPACT_ATOMS: atom_id res chain seq x y z
N ALA A 4 -3.20 -12.67 -24.45
CA ALA A 4 -3.60 -11.29 -24.73
C ALA A 4 -2.89 -10.29 -23.80
N GLU A 5 -1.61 -10.56 -23.53
CA GLU A 5 -0.67 -9.86 -22.66
C GLU A 5 0.02 -8.72 -23.41
N PRO A 6 0.16 -7.56 -22.76
CA PRO A 6 0.71 -6.38 -23.45
C PRO A 6 2.20 -6.52 -23.69
N ARG A 7 2.65 -6.01 -24.84
CA ARG A 7 4.06 -5.99 -25.19
C ARG A 7 4.70 -4.72 -24.63
N ILE A 8 5.49 -4.86 -23.57
CA ILE A 8 6.15 -3.71 -22.95
C ILE A 8 7.61 -3.71 -23.37
N VAL A 9 8.04 -2.61 -24.02
CA VAL A 9 9.43 -2.45 -24.42
C VAL A 9 9.99 -1.22 -23.73
N VAL A 10 11.15 -1.39 -23.08
CA VAL A 10 11.90 -0.32 -22.43
C VAL A 10 13.09 0.04 -23.31
N LEU A 11 13.24 1.34 -23.62
CA LEU A 11 14.38 1.83 -24.38
C LEU A 11 15.43 2.39 -23.42
N GLY A 12 16.59 1.76 -23.39
CA GLY A 12 17.69 2.22 -22.55
C GLY A 12 17.85 1.39 -21.28
N ALA A 13 19.08 1.00 -20.99
CA ALA A 13 19.34 0.10 -19.87
C ALA A 13 20.29 0.73 -18.87
N GLY A 14 20.07 2.01 -18.54
CA GLY A 14 20.75 2.61 -17.42
C GLY A 14 20.02 2.25 -16.14
N PRO A 15 20.43 2.88 -15.03
CA PRO A 15 19.75 2.60 -13.75
C PRO A 15 18.23 2.71 -13.83
N ALA A 16 17.72 3.71 -14.53
CA ALA A 16 16.28 3.96 -14.50
C ALA A 16 15.51 2.93 -15.32
N GLY A 17 15.94 2.69 -16.56
CA GLY A 17 15.29 1.66 -17.36
C GLY A 17 15.37 0.29 -16.71
N ALA A 18 16.55 -0.06 -16.20
CA ALA A 18 16.72 -1.35 -15.52
C ALA A 18 15.79 -1.47 -14.33
N ALA A 19 15.77 -0.43 -13.48
CA ALA A 19 14.89 -0.42 -12.32
C ALA A 19 13.44 -0.64 -12.71
N THR A 20 12.95 0.10 -13.71
CA THR A 20 11.56 0.00 -14.12
C THR A 20 11.23 -1.40 -14.63
N ALA A 21 12.10 -1.94 -15.49
CA ALA A 21 11.95 -3.28 -16.02
C ALA A 21 11.75 -4.31 -14.91
N ILE A 22 12.62 -4.28 -13.89
CA ILE A 22 12.54 -5.25 -12.82
C ILE A 22 11.26 -5.06 -12.03
N GLY A 23 10.86 -3.80 -11.80
CA GLY A 23 9.60 -3.56 -11.13
C GLY A 23 8.43 -4.17 -11.87
N LEU A 24 8.45 -4.06 -13.20
CA LEU A 24 7.35 -4.63 -13.98
C LEU A 24 7.34 -6.15 -13.88
N ARG A 25 8.52 -6.77 -13.92
CA ARG A 25 8.64 -8.21 -13.66
C ARG A 25 7.98 -8.61 -12.34
N ARG A 26 8.28 -7.86 -11.27
CA ARG A 26 7.69 -8.19 -9.97
C ARG A 26 6.18 -8.02 -9.95
N LEU A 27 5.63 -7.17 -10.82
CA LEU A 27 4.18 -7.09 -10.96
C LEU A 27 3.62 -8.20 -11.82
N GLY A 28 4.47 -8.96 -12.50
CA GLY A 28 4.05 -10.08 -13.32
C GLY A 28 4.10 -9.83 -14.81
N TYR A 29 4.78 -8.79 -15.27
CA TYR A 29 4.78 -8.41 -16.67
C TYR A 29 5.97 -8.99 -17.40
N ALA A 30 5.73 -9.46 -18.61
CA ALA A 30 6.82 -9.74 -19.55
C ALA A 30 7.39 -8.42 -20.06
N VAL A 31 8.72 -8.31 -20.08
CA VAL A 31 9.40 -7.05 -20.36
C VAL A 31 10.60 -7.30 -21.27
N THR A 32 10.76 -6.44 -22.27
CA THR A 32 11.93 -6.44 -23.15
C THR A 32 12.61 -5.08 -23.07
N VAL A 33 13.93 -5.08 -22.93
CA VAL A 33 14.71 -3.85 -22.87
C VAL A 33 15.61 -3.79 -24.10
N VAL A 34 15.65 -2.62 -24.74
CA VAL A 34 16.55 -2.34 -25.86
C VAL A 34 17.52 -1.26 -25.42
N SER A 35 18.80 -1.45 -25.69
CA SER A 35 19.79 -0.44 -25.30
C SER A 35 21.10 -0.72 -26.02
N GLU A 36 21.94 0.31 -26.06
CA GLU A 36 23.23 0.23 -26.72
C GLU A 36 24.30 -0.23 -25.73
N TRP A 37 25.26 -1.01 -26.24
CA TRP A 37 26.21 -1.73 -25.39
C TRP A 37 26.95 -0.80 -24.45
N ARG A 38 27.62 0.22 -25.00
CA ARG A 38 28.53 1.04 -24.21
C ARG A 38 28.53 2.47 -24.72
N ARG A 39 29.30 3.31 -24.02
CA ARG A 39 29.58 4.68 -24.41
C ARG A 39 30.97 5.03 -23.85
N PHE A 40 31.29 6.33 -23.81
CA PHE A 40 32.63 6.74 -23.37
C PHE A 40 32.88 6.32 -21.92
N ALA A 41 34.16 6.25 -21.58
CA ALA A 41 34.59 5.92 -20.23
C ALA A 41 34.19 7.04 -19.28
N ALA A 42 33.21 6.78 -18.41
CA ALA A 42 32.80 7.73 -17.40
C ALA A 42 32.83 7.05 -16.04
N VAL A 43 33.46 7.69 -15.06
CA VAL A 43 33.40 7.22 -13.69
C VAL A 43 32.80 8.32 -12.82
N GLU A 44 31.88 7.91 -11.96
CA GLU A 44 31.09 8.83 -11.16
C GLU A 44 31.34 8.56 -9.70
N GLY A 45 31.09 9.58 -8.87
CA GLY A 45 31.14 9.42 -7.43
C GLY A 45 29.78 8.95 -6.92
N VAL A 46 29.81 7.90 -6.10
CA VAL A 46 28.59 7.35 -5.53
C VAL A 46 28.73 7.32 -4.01
N SER A 47 27.61 7.54 -3.33
CA SER A 47 27.56 7.53 -1.88
C SER A 47 27.27 6.12 -1.37
N GLN A 48 27.28 5.98 -0.04
CA GLN A 48 26.93 4.71 0.59
C GLN A 48 25.47 4.37 0.33
N ARG A 49 24.60 5.39 0.33
CA ARG A 49 23.18 5.17 0.12
C ARG A 49 22.90 4.56 -1.26
N VAL A 50 23.52 5.13 -2.30
CA VAL A 50 23.22 4.74 -3.67
C VAL A 50 23.41 3.24 -3.87
N LEU A 51 24.45 2.67 -3.27
CA LEU A 51 24.85 1.31 -3.64
C LEU A 51 23.89 0.28 -3.05
N GLU A 52 23.43 0.49 -1.82
CA GLU A 52 22.38 -0.37 -1.29
C GLU A 52 21.00 0.05 -1.80
N GLY A 53 20.81 1.35 -2.07
CA GLY A 53 19.67 1.76 -2.87
C GLY A 53 19.63 1.08 -4.22
N LEU A 54 20.81 0.80 -4.81
CA LEU A 54 20.87 0.09 -6.07
C LEU A 54 20.59 -1.40 -5.93
N ARG A 55 20.81 -1.98 -4.74
CA ARG A 55 20.40 -3.36 -4.53
C ARG A 55 18.98 -3.45 -3.98
N HIS A 56 18.51 -2.41 -3.30
CA HIS A 56 17.08 -2.30 -3.01
C HIS A 56 16.24 -2.48 -4.28
N VAL A 57 16.71 -1.92 -5.39
CA VAL A 57 15.99 -2.05 -6.65
C VAL A 57 16.29 -3.36 -7.36
N GLY A 58 17.33 -4.08 -6.97
CA GLY A 58 17.67 -5.32 -7.61
C GLY A 58 18.76 -5.23 -8.65
N LEU A 59 19.56 -4.17 -8.65
CA LEU A 59 20.72 -4.05 -9.52
C LEU A 59 22.04 -4.22 -8.77
N GLY A 60 21.99 -4.71 -7.54
CA GLY A 60 23.20 -4.82 -6.72
C GLY A 60 24.21 -5.83 -7.22
N GLY A 61 23.82 -6.75 -8.10
CA GLY A 61 24.79 -7.66 -8.69
C GLY A 61 25.72 -6.95 -9.65
N ALA A 62 25.17 -6.06 -10.47
CA ALA A 62 25.83 -5.18 -11.42
C ALA A 62 26.71 -4.17 -10.74
N LEU A 63 26.96 -4.33 -9.44
CA LEU A 63 27.36 -3.21 -8.60
C LEU A 63 28.81 -3.26 -8.16
N ARG A 64 29.19 -4.31 -7.44
CA ARG A 64 30.41 -4.28 -6.65
C ARG A 64 31.67 -4.56 -7.46
N GLN A 65 31.55 -5.20 -8.62
CA GLN A 65 32.68 -5.32 -9.53
C GLN A 65 32.85 -4.08 -10.40
N ALA A 66 31.88 -3.18 -10.38
CA ALA A 66 31.96 -1.88 -11.02
C ALA A 66 32.33 -0.76 -10.06
N ALA A 67 32.11 -0.96 -8.77
CA ALA A 67 32.38 0.05 -7.75
C ALA A 67 33.63 -0.32 -6.95
N MET A 68 34.48 0.67 -6.72
N MET A 68 34.47 0.68 -6.70
CA MET A 68 35.71 0.46 -5.96
CA MET A 68 35.71 0.47 -5.97
C MET A 68 35.89 1.59 -4.95
C MET A 68 35.92 1.60 -4.96
N PRO A 69 36.34 1.28 -3.74
CA PRO A 69 36.57 2.31 -2.73
C PRO A 69 37.71 3.22 -3.13
N ALA A 70 37.68 4.44 -2.60
CA ALA A 70 38.71 5.42 -2.93
C ALA A 70 38.61 6.59 -1.96
N THR A 71 39.77 7.13 -1.60
CA THR A 71 39.83 8.38 -0.86
C THR A 71 39.34 9.53 -1.74
N ARG A 72 39.19 10.71 -1.13
CA ARG A 72 38.60 11.85 -1.83
C ARG A 72 38.94 13.16 -1.13
N GLN A 73 39.83 13.95 -1.73
CA GLN A 73 40.09 15.30 -1.26
C GLN A 73 38.94 16.22 -1.69
N VAL A 74 38.49 17.07 -0.76
CA VAL A 74 37.39 18.01 -1.02
C VAL A 74 37.88 19.41 -0.71
N HIS A 75 37.87 20.28 -1.72
CA HIS A 75 38.27 21.68 -1.59
C HIS A 75 37.05 22.54 -1.86
N TRP A 76 36.59 23.24 -0.83
CA TRP A 76 35.31 23.94 -0.87
C TRP A 76 35.23 24.89 0.31
N ASN A 77 34.85 26.15 0.05
CA ASN A 77 34.69 27.15 1.12
C ASN A 77 35.98 27.39 1.88
N GLY A 78 37.12 27.28 1.19
CA GLY A 78 38.39 27.52 1.83
C GLY A 78 38.89 26.42 2.74
N GLN A 79 38.30 25.24 2.68
CA GLN A 79 38.63 24.13 3.58
C GLN A 79 39.23 22.99 2.77
N GLN A 80 40.45 22.59 3.10
CA GLN A 80 41.02 21.34 2.60
C GLN A 80 40.55 20.22 3.52
N LEU A 81 39.71 19.34 2.99
CA LEU A 81 38.95 18.36 3.77
C LEU A 81 39.16 16.98 3.16
N HIS A 82 39.52 15.99 3.97
CA HIS A 82 39.86 14.64 3.50
C HIS A 82 38.81 13.64 3.96
N LEU A 83 37.69 13.60 3.23
CA LEU A 83 36.61 12.63 3.43
C LEU A 83 37.01 11.27 2.84
N ASN A 84 36.23 10.25 3.18
CA ASN A 84 36.35 8.94 2.52
C ASN A 84 35.04 8.18 2.72
N GLN A 85 35.09 6.85 2.56
CA GLN A 85 33.95 5.94 2.55
C GLN A 85 32.97 6.23 1.43
N GLU A 86 33.31 7.10 0.50
CA GLU A 86 32.56 7.17 -0.75
C GLU A 86 33.39 6.50 -1.84
N PHE A 87 32.69 5.96 -2.82
CA PHE A 87 33.25 5.05 -3.79
C PHE A 87 33.31 5.72 -5.15
N LEU A 88 33.82 4.98 -6.13
CA LEU A 88 33.80 5.40 -7.52
C LEU A 88 33.09 4.33 -8.32
N LEU A 89 32.27 4.76 -9.27
CA LEU A 89 31.49 3.82 -10.07
C LEU A 89 31.95 3.94 -11.53
N ASP A 90 32.41 2.84 -12.10
CA ASP A 90 32.84 2.86 -13.49
C ASP A 90 31.65 2.47 -14.35
N ARG A 91 31.08 3.46 -15.04
CA ARG A 91 29.86 3.27 -15.81
C ARG A 91 30.04 2.27 -16.93
N GLN A 92 31.27 2.09 -17.42
CA GLN A 92 31.54 1.02 -18.37
C GLN A 92 31.21 -0.34 -17.78
N ARG A 93 31.85 -0.69 -16.65
CA ARG A 93 31.51 -1.92 -15.94
C ARG A 93 30.03 -1.94 -15.57
N PHE A 94 29.51 -0.82 -15.05
CA PHE A 94 28.17 -0.77 -14.51
C PHE A 94 27.11 -1.13 -15.55
N ASP A 95 27.10 -0.42 -16.67
CA ASP A 95 26.04 -0.61 -17.67
C ASP A 95 26.13 -1.99 -18.30
N ARG A 96 27.34 -2.45 -18.60
CA ARG A 96 27.51 -3.82 -19.08
C ARG A 96 27.04 -4.81 -18.02
N ALA A 97 27.22 -4.48 -16.75
CA ALA A 97 26.79 -5.38 -15.70
C ALA A 97 25.28 -5.32 -15.44
N LEU A 98 24.63 -4.19 -15.75
CA LEU A 98 23.19 -4.08 -15.56
C LEU A 98 22.44 -5.12 -16.38
N ARG A 99 22.98 -5.49 -17.54
CA ARG A 99 22.26 -6.44 -18.39
C ARG A 99 22.16 -7.82 -17.76
N ASP A 100 23.15 -8.21 -16.94
CA ASP A 100 23.10 -9.49 -16.24
C ASP A 100 21.92 -9.54 -15.28
N ASP A 101 21.76 -8.48 -14.48
CA ASP A 101 20.66 -8.44 -13.53
C ASP A 101 19.31 -8.46 -14.23
N LEU A 102 19.22 -7.89 -15.42
CA LEU A 102 17.97 -7.93 -16.17
C LEU A 102 17.67 -9.35 -16.64
N GLN A 103 18.64 -10.00 -17.28
CA GLN A 103 18.43 -11.37 -17.73
C GLN A 103 18.18 -12.29 -16.55
N ARG A 104 18.84 -12.04 -15.41
CA ARG A 104 18.53 -12.80 -14.21
C ARG A 104 17.08 -12.64 -13.79
N ALA A 105 16.52 -11.44 -13.98
CA ALA A 105 15.14 -11.20 -13.60
C ALA A 105 14.14 -11.63 -14.67
N GLY A 106 14.60 -12.24 -15.76
CA GLY A 106 13.69 -12.63 -16.80
C GLY A 106 13.33 -11.53 -17.78
N VAL A 107 14.28 -10.65 -18.09
CA VAL A 107 14.07 -9.55 -19.03
C VAL A 107 14.90 -9.82 -20.27
N SER A 108 14.26 -9.75 -21.44
CA SER A 108 14.97 -9.79 -22.71
C SER A 108 15.78 -8.52 -22.88
N VAL A 109 17.05 -8.66 -23.27
CA VAL A 109 17.95 -7.52 -23.48
C VAL A 109 18.39 -7.57 -24.92
N VAL A 110 17.68 -6.83 -25.78
CA VAL A 110 18.00 -6.73 -27.21
C VAL A 110 19.00 -5.59 -27.36
N GLU A 111 20.27 -5.92 -27.58
CA GLU A 111 21.26 -4.88 -27.84
C GLU A 111 20.93 -4.20 -29.16
N GLY A 112 21.26 -2.92 -29.24
CA GLY A 112 21.09 -2.15 -30.47
C GLY A 112 20.72 -0.70 -30.22
N ARG A 113 21.18 0.18 -31.10
CA ARG A 113 20.78 1.57 -31.06
C ARG A 113 19.41 1.74 -31.71
N VAL A 114 18.54 2.49 -31.05
CA VAL A 114 17.22 2.78 -31.60
C VAL A 114 17.35 3.87 -32.64
N ARG A 115 16.81 3.62 -33.84
CA ARG A 115 16.81 4.59 -34.93
C ARG A 115 15.70 5.61 -34.77
N GLU A 116 14.48 5.12 -34.56
CA GLU A 116 13.29 5.95 -34.62
C GLU A 116 12.12 5.17 -34.06
N VAL A 117 11.22 5.87 -33.39
CA VAL A 117 9.97 5.30 -32.92
C VAL A 117 8.84 6.01 -33.65
N VAL A 118 7.84 5.24 -34.07
CA VAL A 118 6.77 5.77 -34.92
C VAL A 118 5.42 5.36 -34.35
N ARG A 119 4.40 6.19 -34.60
CA ARG A 119 3.04 5.88 -34.18
C ARG A 119 2.44 4.94 -35.23
N ASP A 120 2.71 3.65 -35.05
CA ASP A 120 2.26 2.60 -35.96
C ASP A 120 1.46 1.61 -35.14
N VAL A 121 0.13 1.63 -35.29
CA VAL A 121 -0.85 1.05 -34.36
C VAL A 121 -0.35 1.24 -32.93
N GLY A 122 0.57 0.38 -32.49
CA GLY A 122 1.25 0.59 -31.22
C GLY A 122 2.48 1.45 -31.39
N HIS A 123 3.62 0.98 -30.87
CA HIS A 123 4.88 1.67 -31.00
C HIS A 123 5.76 0.91 -31.98
N GLY A 124 6.26 1.60 -33.00
CA GLY A 124 7.16 1.00 -33.95
C GLY A 124 8.59 1.38 -33.67
N ILE A 125 9.31 0.55 -32.93
CA ILE A 125 10.68 0.83 -32.52
C ILE A 125 11.61 0.26 -33.57
N ARG A 126 12.19 1.15 -34.37
CA ARG A 126 13.05 0.78 -35.47
C ARG A 126 14.50 0.95 -35.03
N LEU A 127 15.29 -0.13 -35.13
CA LEU A 127 16.67 -0.17 -34.68
C LEU A 127 17.62 0.06 -35.84
N ASP A 128 18.87 0.41 -35.49
CA ASP A 128 19.87 0.72 -36.51
C ASP A 128 20.14 -0.45 -37.45
N ASP A 129 20.06 -1.68 -36.95
CA ASP A 129 20.29 -2.86 -37.77
C ASP A 129 19.08 -3.26 -38.60
N GLY A 130 18.05 -2.42 -38.68
CA GLY A 130 16.89 -2.68 -39.50
C GLY A 130 15.74 -3.37 -38.80
N GLN A 131 15.98 -4.00 -37.64
CA GLN A 131 14.90 -4.67 -36.93
C GLN A 131 13.84 -3.69 -36.46
N VAL A 132 12.60 -4.16 -36.41
CA VAL A 132 11.48 -3.37 -35.95
C VAL A 132 10.79 -4.15 -34.84
N LEU A 133 10.81 -3.61 -33.63
CA LEU A 133 10.15 -4.22 -32.49
C LEU A 133 8.86 -3.48 -32.18
N GLN A 134 7.75 -4.22 -32.09
CA GLN A 134 6.45 -3.65 -31.82
C GLN A 134 6.21 -3.57 -30.32
N ALA A 135 5.73 -2.43 -29.83
CA ALA A 135 5.43 -2.24 -28.42
C ALA A 135 4.01 -1.75 -28.27
N ASP A 136 3.26 -2.42 -27.39
CA ASP A 136 1.99 -1.87 -26.93
C ASP A 136 2.18 -0.77 -25.90
N PHE A 137 3.28 -0.85 -25.15
CA PHE A 137 3.66 0.17 -24.16
C PHE A 137 5.15 0.41 -24.21
N LEU A 138 5.54 1.68 -24.25
CA LEU A 138 6.93 2.09 -24.36
C LEU A 138 7.39 2.80 -23.09
N VAL A 139 8.49 2.34 -22.50
CA VAL A 139 9.18 3.07 -21.44
C VAL A 139 10.39 3.77 -22.06
N GLU A 140 10.39 5.10 -22.02
CA GLU A 140 11.50 5.89 -22.53
C GLU A 140 12.49 6.13 -21.39
N ALA A 141 13.66 5.51 -21.49
CA ALA A 141 14.64 5.52 -20.42
C ALA A 141 16.03 5.70 -20.99
N ARG A 142 16.17 6.48 -22.06
CA ARG A 142 17.47 6.68 -22.66
C ARG A 142 18.23 7.86 -22.07
N GLY A 143 17.88 8.28 -20.85
CA GLY A 143 18.66 9.30 -20.19
C GLY A 143 18.59 10.64 -20.90
N ARG A 144 19.67 11.42 -20.75
CA ARG A 144 19.76 12.68 -21.47
C ARG A 144 19.80 12.49 -22.99
N GLN A 145 20.10 11.30 -23.47
CA GLN A 145 20.05 11.06 -24.92
C GLN A 145 18.63 10.87 -25.41
N ALA A 146 17.66 11.08 -24.55
CA ALA A 146 16.27 11.00 -24.96
C ALA A 146 15.96 12.07 -26.00
N PRO A 147 15.01 11.81 -26.90
CA PRO A 147 14.64 12.81 -27.90
C PRO A 147 14.22 14.12 -27.26
N LEU A 148 14.72 15.22 -27.83
CA LEU A 148 14.47 16.55 -27.28
C LEU A 148 13.00 16.91 -27.35
N ALA A 149 12.34 16.98 -26.21
CA ALA A 149 11.01 17.55 -26.10
C ALA A 149 11.11 18.95 -25.49
N ALA A 150 9.99 19.66 -25.47
CA ALA A 150 9.96 20.92 -24.74
C ALA A 150 10.23 20.67 -23.26
N ASP A 151 10.77 21.68 -22.58
CA ASP A 151 11.04 21.59 -21.16
C ASP A 151 9.91 22.21 -20.36
N ARG A 152 9.56 21.56 -19.25
CA ARG A 152 8.70 22.18 -18.25
C ARG A 152 9.46 23.22 -17.44
N LEU A 153 10.69 22.90 -17.04
CA LEU A 153 11.59 23.84 -16.38
C LEU A 153 13.00 23.60 -16.87
N ARG A 154 13.80 24.67 -16.89
CA ARG A 154 15.18 24.59 -17.33
C ARG A 154 15.99 25.56 -16.48
N GLY A 155 17.03 25.06 -15.82
CA GLY A 155 17.85 25.89 -14.98
C GLY A 155 18.94 26.57 -15.77
N PRO A 156 19.84 27.26 -15.07
CA PRO A 156 20.98 27.92 -15.73
C PRO A 156 21.71 26.94 -16.63
N GLU A 157 21.90 27.34 -17.89
CA GLU A 157 22.54 26.48 -18.87
C GLU A 157 23.94 26.10 -18.41
N THR A 158 24.23 24.80 -18.37
CA THR A 158 25.43 24.29 -17.72
C THR A 158 26.08 23.22 -18.59
N VAL A 159 27.41 23.26 -18.67
CA VAL A 159 28.16 22.29 -19.46
C VAL A 159 29.24 21.67 -18.57
N SER A 160 29.41 20.36 -18.70
CA SER A 160 30.48 19.65 -18.01
C SER A 160 31.46 19.21 -19.09
N LEU A 161 32.71 19.66 -18.96
CA LEU A 161 33.78 19.30 -19.90
C LEU A 161 34.66 18.24 -19.26
N LEU A 162 34.93 17.17 -20.02
CA LEU A 162 35.56 15.98 -19.48
C LEU A 162 36.86 15.66 -20.22
N ASN A 163 37.92 15.38 -19.46
CA ASN A 163 39.15 14.82 -20.01
C ASN A 163 39.33 13.41 -19.48
N VAL A 164 39.69 12.49 -20.38
CA VAL A 164 39.90 11.09 -20.03
C VAL A 164 41.25 10.67 -20.60
N TRP A 165 42.08 10.04 -19.78
CA TRP A 165 43.40 9.61 -20.23
C TRP A 165 43.87 8.46 -19.35
N GLN A 166 45.04 7.91 -19.70
CA GLN A 166 45.60 6.75 -19.04
C GLN A 166 46.88 7.13 -18.29
N ALA A 167 47.03 6.61 -17.07
CA ALA A 167 48.21 6.87 -16.27
C ALA A 167 48.65 5.56 -15.64
N ALA A 168 49.58 5.66 -14.67
CA ALA A 168 50.13 4.48 -14.02
C ALA A 168 49.11 3.87 -13.07
N PRO A 169 48.89 2.54 -13.12
CA PRO A 169 47.94 1.92 -12.20
C PRO A 169 48.38 1.97 -10.74
N GLY A 170 47.51 1.47 -9.86
CA GLY A 170 47.82 1.31 -8.44
C GLY A 170 48.10 2.58 -7.66
N ALA A 171 47.09 3.46 -7.54
CA ALA A 171 47.15 4.66 -6.71
C ALA A 171 45.81 5.37 -6.73
N PRO A 172 44.73 4.73 -6.28
CA PRO A 172 43.39 5.29 -6.50
C PRO A 172 43.11 6.50 -5.63
N ALA A 173 42.32 7.42 -6.18
CA ALA A 173 41.94 8.64 -5.47
C ALA A 173 40.88 9.38 -6.28
N SER A 174 40.28 10.39 -5.65
CA SER A 174 39.37 11.29 -6.31
C SER A 174 39.43 12.63 -5.59
N ALA A 175 38.87 13.67 -6.22
CA ALA A 175 38.87 14.99 -5.60
C ALA A 175 37.79 15.88 -6.19
N VAL A 176 37.41 16.88 -5.40
CA VAL A 176 36.50 17.95 -5.80
C VAL A 176 37.14 19.27 -5.36
N GLU A 177 37.15 20.26 -6.27
CA GLU A 177 37.61 21.58 -5.89
C GLU A 177 36.70 22.64 -6.50
N SER A 178 36.37 23.62 -5.68
CA SER A 178 35.67 24.81 -6.13
C SER A 178 36.64 25.72 -6.87
N LEU A 179 36.25 26.12 -8.08
CA LEU A 179 36.98 27.11 -8.85
C LEU A 179 36.24 28.44 -8.83
N ALA A 180 36.87 29.46 -9.42
CA ALA A 180 36.30 30.80 -9.40
C ALA A 180 35.00 30.88 -10.20
N ASP A 181 34.89 30.12 -11.29
CA ASP A 181 33.77 30.20 -12.23
C ASP A 181 33.21 28.81 -12.52
N GLY A 182 33.38 27.89 -11.59
CA GLY A 182 32.92 26.53 -11.79
C GLY A 182 33.43 25.64 -10.68
N TRP A 183 33.27 24.34 -10.88
CA TRP A 183 33.85 23.37 -9.97
C TRP A 183 34.29 22.17 -10.79
N ALA A 184 35.24 21.44 -10.25
CA ALA A 184 35.80 20.29 -10.97
C ALA A 184 35.71 19.04 -10.10
N TRP A 185 35.46 17.91 -10.77
CA TRP A 185 35.52 16.59 -10.16
C TRP A 185 36.57 15.78 -10.91
N MET A 186 37.40 15.04 -10.18
CA MET A 186 38.44 14.25 -10.82
C MET A 186 38.63 12.92 -10.09
N ALA A 187 39.04 11.90 -10.85
CA ALA A 187 39.21 10.57 -10.29
C ALA A 187 40.32 9.82 -11.03
N ARG A 188 40.97 8.92 -10.29
CA ARG A 188 42.01 8.06 -10.84
C ARG A 188 41.73 6.64 -10.37
N LEU A 189 41.42 5.75 -11.29
CA LEU A 189 41.07 4.39 -10.93
C LEU A 189 42.34 3.59 -10.61
N GLU A 190 42.14 2.40 -10.04
CA GLU A 190 43.28 1.57 -9.65
C GLU A 190 44.05 1.10 -10.87
N ASP A 191 43.34 0.76 -11.95
CA ASP A 191 43.97 0.38 -13.22
C ASP A 191 44.55 1.57 -13.98
N GLY A 192 44.61 2.75 -13.37
CA GLY A 192 45.26 3.90 -13.96
C GLY A 192 44.41 4.78 -14.85
N ARG A 193 43.16 4.40 -15.13
CA ARG A 193 42.27 5.27 -15.89
C ARG A 193 42.01 6.56 -15.12
N CYS A 194 42.04 7.68 -15.82
CA CYS A 194 41.93 9.00 -15.20
C CYS A 194 40.77 9.77 -15.81
N TYR A 195 40.15 10.60 -14.98
N TYR A 195 40.20 10.64 -14.98
CA TYR A 195 38.97 11.33 -15.40
CA TYR A 195 38.95 11.33 -15.25
C TYR A 195 38.95 12.68 -14.70
C TYR A 195 39.05 12.74 -14.67
N TRP A 196 38.66 13.73 -15.46
CA TRP A 196 38.57 15.10 -14.94
C TRP A 196 37.42 15.79 -15.65
N GLN A 197 36.55 16.41 -14.86
CA GLN A 197 35.30 16.97 -15.39
C GLN A 197 35.04 18.28 -14.68
N VAL A 198 34.95 19.34 -15.46
CA VAL A 198 34.75 20.67 -14.91
C VAL A 198 33.37 21.14 -15.35
N THR A 199 32.66 21.75 -14.42
CA THR A 199 31.28 22.16 -14.63
C THR A 199 31.25 23.67 -14.65
N LEU A 200 30.69 24.24 -15.71
CA LEU A 200 30.76 25.66 -15.97
C LEU A 200 29.46 26.11 -16.61
N ASP A 201 29.26 27.43 -16.60
CA ASP A 201 28.19 28.01 -17.41
C ASP A 201 28.48 27.77 -18.89
N ALA A 202 27.43 27.46 -19.65
CA ALA A 202 27.61 27.18 -21.08
C ALA A 202 28.09 28.41 -21.86
N ALA A 203 27.83 29.62 -21.36
CA ALA A 203 28.01 30.84 -22.14
C ALA A 203 29.47 31.23 -22.26
N GLY A 204 29.90 31.59 -23.47
CA GLY A 204 31.24 32.07 -23.69
C GLY A 204 32.32 31.01 -23.75
N LEU A 205 31.97 29.73 -23.66
CA LEU A 205 32.94 28.67 -23.88
C LEU A 205 33.42 28.73 -25.33
N PRO A 206 34.59 28.16 -25.62
CA PRO A 206 35.04 28.05 -27.01
C PRO A 206 34.24 26.99 -27.75
N GLY A 207 34.27 27.07 -29.07
CA GLY A 207 33.73 26.02 -29.91
C GLY A 207 34.60 24.78 -29.88
N LYS A 208 34.15 23.76 -30.64
CA LYS A 208 34.82 22.46 -30.66
C LYS A 208 36.33 22.59 -30.76
N ALA A 209 36.81 23.40 -31.70
CA ALA A 209 38.24 23.48 -31.96
C ALA A 209 39.02 24.02 -30.76
N GLY A 210 38.38 24.80 -29.90
CA GLY A 210 39.10 25.39 -28.79
C GLY A 210 39.03 24.65 -27.47
N LEU A 211 38.26 23.55 -27.41
CA LEU A 211 37.97 22.88 -26.14
C LEU A 211 39.19 22.18 -25.57
N ALA A 212 39.98 21.53 -26.43
CA ALA A 212 41.15 20.79 -25.94
C ALA A 212 42.11 21.72 -25.22
N ASP A 213 42.45 22.86 -25.86
CA ASP A 213 43.34 23.84 -25.23
C ASP A 213 42.74 24.42 -23.96
N TYR A 214 41.42 24.62 -23.98
CA TYR A 214 40.74 25.18 -22.82
C TYR A 214 40.84 24.25 -21.62
N CYS A 215 40.53 22.96 -21.83
CA CYS A 215 40.65 21.99 -20.75
C CYS A 215 42.10 21.83 -20.29
N ALA A 216 43.04 21.79 -21.22
CA ALA A 216 44.45 21.62 -20.85
C ALA A 216 44.91 22.75 -19.93
N ALA A 217 44.56 23.99 -20.26
CA ALA A 217 44.99 25.10 -19.41
C ALA A 217 44.39 25.01 -18.02
N ARG A 218 43.10 24.60 -17.92
CA ARG A 218 42.48 24.48 -16.60
C ARG A 218 43.11 23.37 -15.77
N ARG A 219 43.36 22.21 -16.38
CA ARG A 219 44.04 21.13 -15.66
C ARG A 219 45.45 21.55 -15.26
N ALA A 220 46.17 22.22 -16.17
CA ALA A 220 47.52 22.68 -15.85
C ALA A 220 47.54 23.69 -14.71
N ASP A 221 46.43 24.37 -14.45
CA ASP A 221 46.39 25.39 -13.42
C ASP A 221 46.03 24.84 -12.05
N SER A 222 45.76 23.55 -11.92
CA SER A 222 45.22 22.98 -10.69
C SER A 222 46.31 22.22 -9.94
N ALA A 223 46.62 22.68 -8.72
CA ALA A 223 47.56 21.95 -7.86
C ALA A 223 47.01 20.58 -7.48
N LEU A 224 45.68 20.46 -7.39
CA LEU A 224 45.06 19.17 -7.12
C LEU A 224 45.32 18.18 -8.25
N VAL A 225 45.18 18.63 -9.50
CA VAL A 225 45.49 17.76 -10.65
C VAL A 225 46.93 17.27 -10.56
N THR A 226 47.86 18.16 -10.19
CA THR A 226 49.28 17.80 -10.14
C THR A 226 49.53 16.72 -9.09
N GLU A 227 49.00 16.92 -7.87
CA GLU A 227 49.17 15.94 -6.80
C GLU A 227 48.60 14.59 -7.20
N LEU A 228 47.35 14.57 -7.64
CA LEU A 228 46.64 13.31 -7.86
C LEU A 228 47.16 12.54 -9.07
N PHE A 229 47.64 13.24 -10.10
CA PHE A 229 47.99 12.59 -11.36
C PHE A 229 49.47 12.82 -11.65
N ASP A 230 50.21 11.73 -11.81
CA ASP A 230 51.61 11.84 -12.22
C ASP A 230 51.69 12.18 -13.70
N ALA A 231 51.13 11.34 -14.55
CA ALA A 231 50.97 11.64 -15.97
C ALA A 231 49.62 12.31 -16.19
N ARG A 232 49.64 13.48 -16.86
CA ARG A 232 48.43 14.24 -17.10
C ARG A 232 47.91 14.16 -18.53
N ALA A 233 48.75 13.77 -19.50
CA ALA A 233 48.36 13.71 -20.91
C ALA A 233 47.64 14.98 -21.36
N LEU A 234 48.26 16.12 -21.05
CA LEU A 234 47.64 17.41 -21.31
C LEU A 234 47.32 17.60 -22.78
N ALA A 235 48.13 17.03 -23.68
CA ALA A 235 47.85 17.24 -25.10
C ALA A 235 46.92 16.17 -25.68
N SER A 236 47.05 14.91 -25.27
CA SER A 236 46.39 13.81 -25.96
C SER A 236 45.12 13.32 -25.27
N ALA A 237 44.80 13.83 -24.08
CA ALA A 237 43.60 13.36 -23.38
C ALA A 237 42.36 13.55 -24.26
N GLU A 238 41.49 12.54 -24.27
CA GLU A 238 40.18 12.71 -24.90
C GLU A 238 39.46 13.90 -24.27
N VAL A 239 38.67 14.59 -25.09
CA VAL A 239 37.91 15.77 -24.67
C VAL A 239 36.45 15.52 -25.02
N HIS A 240 35.56 15.67 -24.04
CA HIS A 240 34.13 15.49 -24.24
C HIS A 240 33.38 16.61 -23.54
N ALA A 241 32.26 17.02 -24.14
CA ALA A 241 31.42 18.07 -23.58
C ALA A 241 30.02 17.51 -23.37
N ARG A 242 29.50 17.66 -22.14
CA ARG A 242 28.19 17.13 -21.75
C ARG A 242 27.31 18.30 -21.29
N SER A 243 26.11 18.37 -21.83
CA SER A 243 25.11 19.24 -21.23
C SER A 243 24.75 18.70 -19.85
N SER A 244 24.91 19.52 -18.81
CA SER A 244 24.57 19.14 -17.45
C SER A 244 23.53 20.08 -16.85
N THR A 245 22.79 20.77 -17.71
CA THR A 245 21.73 21.69 -17.29
C THR A 245 20.63 20.93 -16.54
N ALA A 246 20.09 21.56 -15.50
CA ALA A 246 18.91 21.02 -14.83
C ALA A 246 17.69 21.12 -15.75
N ILE A 247 17.07 19.98 -16.06
CA ILE A 247 15.98 19.91 -17.03
C ILE A 247 14.84 19.06 -16.48
N LEU A 248 13.64 19.64 -16.44
CA LEU A 248 12.44 18.87 -16.19
C LEU A 248 11.69 18.74 -17.51
N ALA A 249 11.38 17.50 -17.91
CA ALA A 249 10.80 17.26 -19.22
C ALA A 249 9.40 17.84 -19.36
N GLY A 250 9.12 18.41 -20.53
CA GLY A 250 7.79 18.97 -20.76
C GLY A 250 6.68 17.95 -20.63
N GLU A 251 6.84 16.78 -21.25
CA GLU A 251 5.89 15.67 -21.16
C GLU A 251 6.62 14.45 -20.64
N CYS A 252 6.03 13.72 -19.69
N CYS A 252 6.01 13.76 -19.66
CA CYS A 252 6.71 12.55 -19.17
CA CYS A 252 6.61 12.64 -18.96
C CYS A 252 5.85 11.30 -19.10
C CYS A 252 5.86 11.32 -19.11
N VAL A 253 4.59 11.35 -19.54
CA VAL A 253 3.75 10.16 -19.55
C VAL A 253 2.59 10.37 -20.52
N GLY A 254 2.23 9.29 -21.22
CA GLY A 254 1.14 9.29 -22.18
C GLY A 254 0.16 8.15 -21.92
N GLN A 255 -0.76 7.91 -22.86
CA GLN A 255 -1.68 6.79 -22.74
C GLN A 255 -0.96 5.46 -22.77
N ASP A 256 0.17 5.39 -23.47
CA ASP A 256 0.87 4.13 -23.66
C ASP A 256 2.37 4.34 -23.61
N TRP A 257 2.83 5.33 -22.86
CA TRP A 257 4.27 5.53 -22.73
C TRP A 257 4.56 6.28 -21.44
N ILE A 258 5.81 6.22 -21.04
CA ILE A 258 6.26 6.91 -19.84
C ILE A 258 7.74 7.19 -20.00
N ARG A 259 8.17 8.36 -19.51
CA ARG A 259 9.58 8.66 -19.36
C ARG A 259 10.01 8.46 -17.90
N VAL A 260 11.20 7.87 -17.73
CA VAL A 260 11.78 7.66 -16.41
C VAL A 260 13.23 8.12 -16.43
N GLY A 261 13.76 8.37 -15.24
CA GLY A 261 15.16 8.74 -15.14
C GLY A 261 15.44 10.12 -15.69
N ASP A 262 16.68 10.27 -16.20
CA ASP A 262 17.12 11.54 -16.78
C ASP A 262 16.22 12.00 -17.92
N ALA A 263 15.60 11.06 -18.65
CA ALA A 263 14.62 11.42 -19.65
C ALA A 263 13.43 12.15 -19.05
N ALA A 264 13.15 11.95 -17.77
CA ALA A 264 12.04 12.64 -17.12
C ALA A 264 12.51 13.91 -16.43
N MET A 265 13.57 13.81 -15.66
CA MET A 265 14.11 14.92 -14.91
C MET A 265 15.56 14.65 -14.57
N ALA A 266 16.36 15.71 -14.56
CA ALA A 266 17.75 15.59 -14.15
C ALA A 266 18.19 16.94 -13.65
N VAL A 267 18.88 16.97 -12.52
CA VAL A 267 19.51 18.19 -12.03
C VAL A 267 21.02 18.05 -12.26
N ASP A 268 21.76 19.12 -11.99
CA ASP A 268 23.18 19.04 -12.34
C ASP A 268 23.88 18.12 -11.33
N PRO A 269 25.08 17.64 -11.64
CA PRO A 269 25.68 16.54 -10.89
C PRO A 269 26.40 16.92 -9.60
N LEU A 270 26.27 18.16 -9.10
CA LEU A 270 27.01 18.54 -7.89
C LEU A 270 26.72 17.62 -6.70
N SER A 271 25.52 17.05 -6.62
CA SER A 271 25.17 16.31 -5.41
C SER A 271 25.98 15.02 -5.25
N GLY A 272 26.58 14.53 -6.32
CA GLY A 272 27.16 13.20 -6.29
C GLY A 272 26.12 12.12 -6.09
N ASN A 273 24.87 12.41 -6.46
CA ASN A 273 23.74 11.54 -6.12
C ASN A 273 22.81 11.32 -7.29
N GLY A 274 23.27 11.55 -8.52
CA GLY A 274 22.37 11.51 -9.66
C GLY A 274 21.73 10.16 -9.89
N ILE A 275 22.49 9.08 -9.72
CA ILE A 275 21.94 7.75 -9.95
C ILE A 275 20.79 7.48 -8.99
N PHE A 276 20.94 7.89 -7.73
CA PHE A 276 19.87 7.73 -6.76
C PHE A 276 18.64 8.53 -7.17
N GLN A 277 18.85 9.78 -7.61
CA GLN A 277 17.76 10.63 -8.02
C GLN A 277 17.04 10.08 -9.25
N SER A 278 17.80 9.45 -10.16
N SER A 278 17.80 9.45 -10.15
CA SER A 278 17.17 8.80 -11.30
CA SER A 278 17.18 8.80 -11.31
C SER A 278 16.37 7.58 -10.87
C SER A 278 16.38 7.57 -10.89
N LEU A 279 16.88 6.82 -9.91
CA LEU A 279 16.13 5.69 -9.37
C LEU A 279 14.83 6.15 -8.71
N SER A 280 14.88 7.28 -8.01
CA SER A 280 13.66 7.82 -7.39
C SER A 280 12.58 8.10 -8.42
N SER A 281 12.98 8.55 -9.62
CA SER A 281 12.00 8.88 -10.64
C SER A 281 11.35 7.63 -11.20
N ALA A 282 12.03 6.49 -11.13
CA ALA A 282 11.49 5.23 -11.64
C ALA A 282 10.80 4.40 -10.58
N LEU A 283 10.91 4.79 -9.30
CA LEU A 283 10.45 3.94 -8.21
C LEU A 283 8.97 3.59 -8.35
N GLN A 284 8.14 4.56 -8.67
CA GLN A 284 6.71 4.29 -8.81
C GLN A 284 6.25 4.29 -10.26
N ALA A 285 7.19 4.27 -11.21
CA ALA A 285 6.81 4.07 -12.61
C ALA A 285 6.08 2.75 -12.83
N PRO A 286 6.51 1.62 -12.27
CA PRO A 286 5.75 0.37 -12.52
C PRO A 286 4.29 0.44 -12.11
N VAL A 287 3.92 1.09 -10.99
CA VAL A 287 2.50 1.12 -10.67
C VAL A 287 1.76 2.05 -11.62
N VAL A 288 2.41 3.09 -12.14
CA VAL A 288 1.74 3.96 -13.11
C VAL A 288 1.44 3.16 -14.37
N ILE A 289 2.45 2.44 -14.87
CA ILE A 289 2.26 1.55 -16.02
C ILE A 289 1.18 0.52 -15.75
N ASN A 290 1.22 -0.10 -14.57
CA ASN A 290 0.22 -1.09 -14.20
C ASN A 290 -1.18 -0.51 -14.27
N THR A 291 -1.35 0.75 -13.85
CA THR A 291 -2.64 1.41 -14.00
C THR A 291 -2.96 1.65 -15.46
N LEU A 292 -1.98 2.10 -16.25
CA LEU A 292 -2.24 2.44 -17.62
C LEU A 292 -2.70 1.21 -18.41
N LEU A 293 -2.27 0.02 -17.99
CA LEU A 293 -2.55 -1.24 -18.70
C LEU A 293 -3.77 -1.98 -18.15
N ARG A 294 -3.92 -2.03 -16.82
CA ARG A 294 -5.04 -2.75 -16.18
C ARG A 294 -6.30 -1.91 -16.02
N ARG A 295 -6.19 -0.61 -15.79
CA ARG A 295 -7.36 0.27 -15.71
C ARG A 295 -7.11 1.51 -16.57
N PRO A 296 -7.03 1.35 -17.89
CA PRO A 296 -6.74 2.50 -18.77
C PRO A 296 -7.75 3.62 -18.65
N GLU A 297 -8.99 3.33 -18.20
CA GLU A 297 -9.98 4.37 -17.91
C GLU A 297 -9.47 5.37 -16.87
N ARG A 298 -8.43 5.02 -16.12
N ARG A 298 -8.42 5.02 -16.12
CA ARG A 298 -7.84 5.91 -15.13
CA ARG A 298 -7.83 5.87 -15.10
C ARG A 298 -6.46 6.40 -15.55
C ARG A 298 -6.49 6.47 -15.54
N ALA A 299 -6.25 6.55 -16.85
CA ALA A 299 -4.99 7.10 -17.35
C ALA A 299 -4.79 8.56 -16.92
N GLY A 300 -5.86 9.35 -16.89
CA GLY A 300 -5.71 10.73 -16.45
C GLY A 300 -5.11 10.81 -15.07
N LEU A 301 -5.66 10.04 -14.12
CA LEU A 301 -5.12 10.02 -12.77
C LEU A 301 -3.69 9.51 -12.77
N ALA A 302 -3.44 8.42 -13.48
CA ALA A 302 -2.10 7.86 -13.52
C ALA A 302 -1.12 8.84 -14.12
N ARG A 303 -1.53 9.56 -15.17
CA ARG A 303 -0.61 10.52 -15.77
C ARG A 303 -0.31 11.66 -14.82
N GLN A 304 -1.35 12.17 -14.14
CA GLN A 304 -1.14 13.24 -13.18
C GLN A 304 -0.25 12.78 -12.04
N PHE A 305 -0.43 11.54 -11.58
CA PHE A 305 0.40 11.04 -10.49
C PHE A 305 1.88 11.08 -10.87
N HIS A 306 2.22 10.63 -12.08
CA HIS A 306 3.62 10.58 -12.48
C HIS A 306 4.19 11.98 -12.71
N GLN A 307 3.46 12.84 -13.42
N GLN A 307 3.47 12.83 -13.45
CA GLN A 307 3.97 14.18 -13.71
CA GLN A 307 3.95 14.19 -13.71
C GLN A 307 4.24 14.95 -12.43
C GLN A 307 4.25 14.92 -12.42
N GLN A 308 3.29 14.93 -11.50
CA GLN A 308 3.45 15.72 -10.28
C GLN A 308 4.53 15.16 -9.37
N ARG A 309 4.67 13.83 -9.29
CA ARG A 309 5.79 13.25 -8.55
C ARG A 309 7.12 13.68 -9.16
N ILE A 310 7.25 13.54 -10.49
CA ILE A 310 8.51 13.89 -11.16
C ILE A 310 8.86 15.36 -10.91
N GLU A 311 7.86 16.25 -11.01
CA GLU A 311 8.15 17.67 -10.81
C GLU A 311 8.59 17.94 -9.36
N GLN A 312 7.91 17.34 -8.39
CA GLN A 312 8.31 17.56 -7.00
C GLN A 312 9.70 16.98 -6.71
N LEU A 313 10.01 15.79 -7.25
CA LEU A 313 11.36 15.25 -7.13
C LEU A 313 12.40 16.22 -7.71
N PHE A 314 12.17 16.67 -8.96
CA PHE A 314 13.08 17.61 -9.61
C PHE A 314 13.34 18.82 -8.74
N LEU A 315 12.27 19.42 -8.21
CA LEU A 315 12.43 20.63 -7.42
C LEU A 315 13.19 20.34 -6.13
N ARG A 316 12.92 19.19 -5.50
CA ARG A 316 13.63 18.84 -4.28
C ARG A 316 15.12 18.66 -4.55
N PHE A 317 15.45 17.87 -5.57
CA PHE A 317 16.87 17.67 -5.88
C PHE A 317 17.54 18.95 -6.31
N ALA A 318 16.82 19.83 -7.02
CA ALA A 318 17.39 21.11 -7.44
C ALA A 318 17.76 21.97 -6.23
N ARG A 319 16.89 21.96 -5.21
CA ARG A 319 17.16 22.76 -4.00
C ARG A 319 18.25 22.14 -3.16
N ILE A 320 18.34 20.81 -3.12
CA ILE A 320 19.44 20.17 -2.43
C ILE A 320 20.76 20.57 -3.07
N GLY A 321 20.81 20.58 -4.40
CA GLY A 321 22.00 21.02 -5.08
C GLY A 321 22.32 22.48 -4.82
N ARG A 322 21.29 23.34 -4.82
CA ARG A 322 21.46 24.75 -4.51
C ARG A 322 22.17 24.94 -3.17
N ASP A 323 21.74 24.19 -2.15
CA ASP A 323 22.32 24.32 -0.82
C ASP A 323 23.79 23.90 -0.82
N PHE A 324 24.17 22.92 -1.65
CA PHE A 324 25.59 22.63 -1.82
C PHE A 324 26.32 23.83 -2.41
N TYR A 325 25.79 24.40 -3.49
CA TYR A 325 26.38 25.62 -4.04
C TYR A 325 26.47 26.71 -3.00
N GLY A 326 25.46 26.81 -2.13
CA GLY A 326 25.46 27.86 -1.14
C GLY A 326 26.48 27.68 -0.04
N GLN A 327 26.94 26.45 0.19
CA GLN A 327 27.99 26.23 1.18
C GLN A 327 29.30 26.92 0.79
N GLU A 328 29.51 27.18 -0.51
CA GLU A 328 30.69 27.91 -0.97
C GLU A 328 30.44 29.40 -0.77
N GLN A 329 31.00 29.96 0.30
CA GLN A 329 30.74 31.33 0.71
C GLN A 329 31.85 32.29 0.34
N GLY A 330 32.94 31.81 -0.26
CA GLY A 330 34.02 32.68 -0.66
C GLY A 330 34.08 32.97 -2.14
N ARG A 331 32.93 33.26 -2.76
CA ARG A 331 32.87 33.46 -4.21
C ARG A 331 31.88 34.57 -4.57
N VAL A 332 31.75 35.58 -3.70
CA VAL A 332 30.54 36.40 -3.72
C VAL A 332 30.40 37.24 -4.99
N GLY A 333 31.46 37.52 -5.71
CA GLY A 333 31.25 38.31 -6.90
C GLY A 333 31.04 37.54 -8.19
N GLN A 334 30.95 36.21 -8.14
CA GLN A 334 31.10 35.38 -9.34
C GLN A 334 29.75 35.02 -9.91
N PRO A 335 29.48 35.32 -11.19
CA PRO A 335 28.19 34.93 -11.79
C PRO A 335 27.88 33.45 -11.77
N PHE A 336 28.88 32.56 -11.91
CA PHE A 336 28.58 31.14 -11.91
C PHE A 336 27.91 30.72 -10.61
N TRP A 337 28.45 31.19 -9.49
CA TRP A 337 28.01 30.79 -8.17
C TRP A 337 26.71 31.48 -7.76
N ALA A 338 26.66 32.81 -7.91
CA ALA A 338 25.47 33.57 -7.58
C ALA A 338 24.24 33.04 -8.32
N ARG A 339 24.38 32.78 -9.61
N ARG A 339 24.39 32.80 -9.62
CA ARG A 339 23.26 32.22 -10.37
CA ARG A 339 23.31 32.20 -10.40
C ARG A 339 22.83 30.87 -9.81
C ARG A 339 22.84 30.89 -9.79
N ARG A 340 23.78 30.05 -9.35
CA ARG A 340 23.44 28.71 -8.89
C ARG A 340 23.06 28.65 -7.41
N GLN A 341 23.41 29.65 -6.62
CA GLN A 341 23.03 29.68 -5.22
C GLN A 341 21.59 30.18 -5.02
N GLY A 342 20.96 30.72 -6.06
CA GLY A 342 19.59 31.20 -5.94
C GLY A 342 18.62 30.45 -6.83
N TRP A 343 19.08 29.35 -7.44
CA TRP A 343 18.21 28.58 -8.31
C TRP A 343 17.86 27.24 -7.68
N PRO A 344 16.59 26.76 -7.80
CA PRO A 344 15.45 27.30 -8.54
C PRO A 344 14.77 28.50 -7.87
N ASP A 345 14.92 28.61 -6.55
CA ASP A 345 14.36 29.70 -5.76
C ASP A 345 15.10 29.72 -4.43
N MET A 346 14.56 30.45 -3.45
CA MET A 346 15.15 30.43 -2.11
C MET A 346 14.28 29.70 -1.09
N GLN A 347 13.38 28.85 -1.54
CA GLN A 347 12.52 28.13 -0.62
C GLN A 347 13.31 27.11 0.18
N ALA A 348 13.08 27.06 1.48
CA ALA A 348 13.73 26.05 2.32
C ALA A 348 13.28 24.65 1.91
N LEU A 349 14.12 23.65 2.21
CA LEU A 349 13.78 22.27 1.89
C LEU A 349 12.56 21.78 2.68
N HIS A 350 12.41 22.21 3.93
CA HIS A 350 11.19 21.94 4.70
C HIS A 350 10.42 23.24 4.85
N VAL A 351 9.28 23.35 4.18
CA VAL A 351 8.51 24.58 4.18
C VAL A 351 7.81 24.76 5.53
N ALA A 352 7.53 26.01 5.86
CA ALA A 352 6.81 26.33 7.09
C ALA A 352 5.34 25.94 6.99
N ALA A 353 4.77 25.49 8.11
CA ALA A 353 3.35 25.15 8.18
C ALA A 353 2.48 26.39 8.00
N ASP A 354 1.27 26.17 7.49
CA ASP A 354 0.25 27.22 7.41
C ASP A 354 -1.10 26.51 7.48
N TRP A 355 -1.58 26.30 8.70
CA TRP A 355 -2.82 25.55 8.87
C TRP A 355 -3.98 26.23 8.17
N SER A 356 -3.97 27.57 8.09
CA SER A 356 -5.04 28.31 7.45
C SER A 356 -5.17 27.96 5.98
N ALA A 357 -4.08 27.52 5.34
CA ALA A 357 -4.06 27.22 3.92
C ALA A 357 -4.31 25.74 3.60
N VAL A 358 -4.52 24.89 4.61
CA VAL A 358 -4.70 23.46 4.38
C VAL A 358 -6.01 23.20 3.66
N ARG A 359 -6.00 22.31 2.68
CA ARG A 359 -7.18 22.07 1.87
C ARG A 359 -7.45 20.57 1.75
N VAL A 360 -8.72 20.20 1.84
CA VAL A 360 -9.16 18.85 1.50
C VAL A 360 -9.51 18.86 0.01
N GLU A 361 -8.84 18.00 -0.75
CA GLU A 361 -9.05 17.92 -2.18
C GLU A 361 -8.96 16.46 -2.62
N ARG A 362 -9.66 16.14 -3.71
CA ARG A 362 -9.56 14.83 -4.34
C ARG A 362 -8.32 14.80 -5.24
N ARG A 363 -7.39 13.90 -4.96
CA ARG A 363 -6.10 13.87 -5.62
C ARG A 363 -5.74 12.43 -5.91
N PRO A 364 -4.78 12.18 -6.81
CA PRO A 364 -4.30 10.82 -7.06
C PRO A 364 -3.61 10.20 -5.85
N VAL A 365 -3.87 8.91 -5.63
CA VAL A 365 -3.27 8.11 -4.56
C VAL A 365 -2.89 6.74 -5.12
N LEU A 366 -2.02 6.03 -4.39
CA LEU A 366 -1.65 4.66 -4.72
C LEU A 366 -2.37 3.68 -3.80
N ARG A 367 -3.12 2.74 -4.40
N ARG A 367 -3.11 2.73 -4.40
CA ARG A 367 -3.78 1.68 -3.63
CA ARG A 367 -3.75 1.67 -3.62
C ARG A 367 -3.71 0.38 -4.43
C ARG A 367 -3.72 0.38 -4.43
N ASP A 368 -3.17 -0.67 -3.81
CA ASP A 368 -3.16 -2.01 -4.38
C ASP A 368 -2.55 -2.06 -5.78
N GLY A 369 -1.47 -1.29 -5.95
CA GLY A 369 -0.74 -1.27 -7.20
C GLY A 369 -1.36 -0.43 -8.30
N LEU A 370 -2.39 0.35 -8.00
CA LEU A 370 -3.06 1.15 -9.01
C LEU A 370 -3.22 2.57 -8.52
N VAL A 371 -3.12 3.52 -9.45
CA VAL A 371 -3.42 4.91 -9.13
C VAL A 371 -4.92 5.05 -9.07
N ASP A 372 -5.42 5.46 -7.91
CA ASP A 372 -6.84 5.72 -7.72
C ASP A 372 -6.95 7.19 -7.35
N GLU A 373 -8.07 7.58 -6.80
CA GLU A 373 -8.33 8.95 -6.42
C GLU A 373 -9.00 8.92 -5.05
N ALA A 374 -8.63 9.84 -4.17
CA ALA A 374 -9.24 9.88 -2.86
C ALA A 374 -9.14 11.30 -2.33
N GLU A 375 -10.03 11.62 -1.39
CA GLU A 375 -9.90 12.86 -0.65
C GLU A 375 -8.64 12.78 0.20
N VAL A 376 -7.72 13.72 -0.01
CA VAL A 376 -6.49 13.79 0.76
C VAL A 376 -6.43 15.18 1.35
N VAL A 377 -5.46 15.40 2.23
CA VAL A 377 -5.27 16.70 2.86
C VAL A 377 -4.03 17.35 2.27
N VAL A 378 -4.22 18.50 1.59
CA VAL A 378 -3.14 19.22 0.93
C VAL A 378 -2.63 20.27 1.89
N THR A 379 -1.31 20.28 2.11
CA THR A 379 -0.66 21.18 3.05
C THR A 379 0.52 21.87 2.39
N ALA A 380 1.05 22.88 3.08
CA ALA A 380 2.24 23.57 2.61
C ALA A 380 3.40 22.59 2.37
N ASP A 381 3.60 21.65 3.30
CA ASP A 381 4.72 20.72 3.20
C ASP A 381 4.44 19.56 2.25
N GLN A 382 3.18 19.26 1.99
CA GLN A 382 2.79 18.19 1.07
C GLN A 382 1.84 18.75 0.01
N PRO A 383 2.37 19.42 -1.02
CA PRO A 383 1.51 19.93 -2.09
C PRO A 383 0.71 18.83 -2.80
N LEU A 384 1.13 17.58 -2.72
CA LEU A 384 0.46 16.49 -3.42
C LEU A 384 -0.53 15.76 -2.52
N GLY A 385 -0.57 16.13 -1.24
CA GLY A 385 -1.59 15.64 -0.34
C GLY A 385 -1.13 14.45 0.48
N VAL A 386 -1.70 14.33 1.67
CA VAL A 386 -1.51 13.19 2.55
C VAL A 386 -2.84 12.45 2.62
N TRP A 387 -2.83 11.16 2.28
CA TRP A 387 -4.08 10.39 2.30
C TRP A 387 -4.39 9.82 3.69
N HIS A 388 -3.46 9.07 4.25
CA HIS A 388 -3.70 8.38 5.51
C HIS A 388 -2.40 8.28 6.29
N LEU A 389 -2.54 8.06 7.59
CA LEU A 389 -1.43 7.68 8.47
C LEU A 389 -1.73 6.28 9.00
N GLN A 390 -0.97 5.29 8.54
CA GLN A 390 -1.12 3.89 8.99
C GLN A 390 -2.57 3.45 8.93
N GLY A 391 -3.27 3.81 7.85
CA GLY A 391 -4.65 3.40 7.63
C GLY A 391 -5.68 4.42 8.03
N VAL A 392 -5.32 5.41 8.84
CA VAL A 392 -6.25 6.42 9.30
C VAL A 392 -6.32 7.53 8.25
N GLU A 393 -7.43 7.59 7.53
CA GLU A 393 -7.61 8.66 6.55
C GLU A 393 -7.77 9.99 7.27
N LEU A 394 -7.09 11.01 6.75
CA LEU A 394 -7.07 12.33 7.39
C LEU A 394 -8.15 13.28 6.90
N ALA A 395 -8.60 13.15 5.65
CA ALA A 395 -9.58 14.10 5.15
C ALA A 395 -10.86 14.18 5.97
N PRO A 396 -11.43 13.07 6.48
CA PRO A 396 -12.64 13.21 7.32
C PRO A 396 -12.37 14.03 8.58
N ALA A 397 -11.28 13.73 9.28
CA ALA A 397 -10.92 14.51 10.46
C ALA A 397 -10.75 15.99 10.13
N VAL A 398 -10.03 16.30 9.04
CA VAL A 398 -9.75 17.70 8.73
C VAL A 398 -11.03 18.41 8.27
N ARG A 399 -11.89 17.72 7.52
CA ARG A 399 -13.21 18.27 7.23
C ARG A 399 -13.92 18.64 8.53
N GLU A 400 -13.99 17.70 9.48
CA GLU A 400 -14.68 18.00 10.74
C GLU A 400 -14.00 19.13 11.49
N LEU A 401 -12.66 19.12 11.56
CA LEU A 401 -11.94 20.20 12.23
C LEU A 401 -12.23 21.54 11.58
N GLN A 402 -12.23 21.59 10.24
CA GLN A 402 -12.52 22.84 9.56
C GLN A 402 -13.98 23.24 9.74
N ALA A 403 -14.86 22.29 10.07
CA ALA A 403 -16.25 22.58 10.39
C ALA A 403 -16.44 22.98 11.85
N GLY A 404 -15.37 23.07 12.64
CA GLY A 404 -15.47 23.51 14.02
C GLY A 404 -15.69 22.43 15.06
N ARG A 405 -15.63 21.16 14.69
CA ARG A 405 -15.74 20.11 15.69
C ARG A 405 -14.45 20.06 16.52
N PRO A 406 -14.56 19.94 17.86
CA PRO A 406 -13.35 19.93 18.69
C PRO A 406 -12.50 18.71 18.43
N LEU A 407 -11.17 18.91 18.53
CA LEU A 407 -10.23 17.85 18.15
C LEU A 407 -10.48 16.59 18.94
N GLU A 408 -10.72 16.72 20.26
CA GLU A 408 -10.94 15.55 21.10
C GLU A 408 -12.08 14.69 20.56
N ALA A 409 -13.20 15.32 20.16
CA ALA A 409 -14.31 14.57 19.59
C ALA A 409 -13.95 13.96 18.23
N VAL A 410 -13.19 14.70 17.41
CA VAL A 410 -12.87 14.25 16.05
C VAL A 410 -12.12 12.92 16.08
N VAL A 411 -11.22 12.76 17.05
CA VAL A 411 -10.36 11.59 17.11
C VAL A 411 -10.84 10.55 18.13
N SER A 412 -12.00 10.78 18.75
CA SER A 412 -12.44 9.92 19.84
C SER A 412 -12.71 8.48 19.40
N GLY A 413 -12.87 8.23 18.10
CA GLY A 413 -13.16 6.89 17.66
C GLY A 413 -11.95 6.00 17.44
N LEU A 414 -10.75 6.59 17.41
CA LEU A 414 -9.55 5.82 17.14
C LEU A 414 -8.98 5.27 18.45
N SER A 415 -8.04 4.33 18.32
CA SER A 415 -7.31 3.86 19.48
C SER A 415 -6.40 4.98 19.98
N GLY A 416 -6.11 4.94 21.29
CA GLY A 416 -5.31 6.00 21.90
C GLY A 416 -4.01 6.26 21.19
N GLU A 417 -3.40 5.20 20.63
CA GLU A 417 -2.15 5.37 19.90
C GLU A 417 -2.38 6.04 18.55
N GLN A 418 -3.47 5.67 17.87
CA GLN A 418 -3.83 6.37 16.64
C GLN A 418 -4.22 7.82 16.91
N GLN A 419 -4.91 8.06 18.03
CA GLN A 419 -5.24 9.43 18.44
C GLN A 419 -3.98 10.27 18.64
N ARG A 420 -2.94 9.71 19.28
CA ARG A 420 -1.72 10.46 19.50
C ARG A 420 -0.97 10.66 18.18
N MET A 421 -1.04 9.66 17.29
CA MET A 421 -0.43 9.80 15.97
C MET A 421 -1.07 10.93 15.18
N VAL A 422 -2.40 11.02 15.20
CA VAL A 422 -3.09 12.06 14.44
C VAL A 422 -2.78 13.43 15.02
N ARG A 423 -2.72 13.54 16.36
CA ARG A 423 -2.42 14.82 17.00
C ARG A 423 -1.03 15.33 16.62
N ARG A 424 -0.05 14.43 16.57
CA ARG A 424 1.30 14.83 16.20
C ARG A 424 1.35 15.35 14.76
N TRP A 425 0.64 14.69 13.84
CA TRP A 425 0.60 15.19 12.47
C TRP A 425 -0.01 16.58 12.42
N LEU A 426 -1.12 16.80 13.13
CA LEU A 426 -1.77 18.10 13.09
C LEU A 426 -0.84 19.20 13.62
N LEU A 427 -0.07 18.88 14.65
CA LEU A 427 0.89 19.85 15.18
C LEU A 427 1.89 20.26 14.11
N GLU A 428 2.42 19.26 13.40
CA GLU A 428 3.39 19.51 12.35
C GLU A 428 2.79 20.26 11.18
N GLN A 429 1.46 20.23 11.02
CA GLN A 429 0.82 20.98 9.95
C GLN A 429 0.36 22.36 10.42
N GLY A 430 0.68 22.75 11.64
CA GLY A 430 0.40 24.10 12.09
C GLY A 430 -0.85 24.25 12.93
N LEU A 431 -1.53 23.16 13.26
CA LEU A 431 -2.68 23.21 14.16
C LEU A 431 -2.14 22.96 15.56
N VAL A 432 -1.90 24.04 16.30
CA VAL A 432 -1.26 23.90 17.61
C VAL A 432 -2.15 24.45 18.73
N ALA B 4 -8.95 -15.21 -22.51
CA ALA B 4 -10.05 -14.32 -22.14
C ALA B 4 -10.02 -14.00 -20.64
N GLU B 5 -10.67 -12.89 -20.28
CA GLU B 5 -10.75 -12.43 -18.89
C GLU B 5 -11.36 -13.53 -18.00
N PRO B 6 -10.92 -13.63 -16.73
CA PRO B 6 -11.44 -14.72 -15.89
C PRO B 6 -12.91 -14.50 -15.58
N ARG B 7 -13.66 -15.60 -15.56
CA ARG B 7 -15.08 -15.56 -15.22
C ARG B 7 -15.18 -15.75 -13.71
N ILE B 8 -15.53 -14.69 -12.99
CA ILE B 8 -15.54 -14.68 -11.54
C ILE B 8 -16.99 -14.58 -11.08
N VAL B 9 -17.44 -15.58 -10.35
N VAL B 9 -17.43 -15.55 -10.27
CA VAL B 9 -18.77 -15.56 -9.76
CA VAL B 9 -18.80 -15.61 -9.78
C VAL B 9 -18.59 -15.43 -8.25
C VAL B 9 -18.78 -15.62 -8.26
N VAL B 10 -19.48 -14.65 -7.64
CA VAL B 10 -19.63 -14.61 -6.18
C VAL B 10 -21.00 -15.20 -5.82
N LEU B 11 -21.00 -16.17 -4.92
CA LEU B 11 -22.23 -16.79 -4.43
C LEU B 11 -22.61 -16.12 -3.11
N GLY B 12 -23.70 -15.34 -3.11
CA GLY B 12 -24.19 -14.70 -1.89
C GLY B 12 -23.94 -13.21 -1.93
N ALA B 13 -24.97 -12.41 -1.65
CA ALA B 13 -24.89 -10.96 -1.67
C ALA B 13 -25.19 -10.36 -0.30
N GLY B 14 -24.66 -10.97 0.74
CA GLY B 14 -24.63 -10.34 2.04
C GLY B 14 -23.48 -9.36 2.08
N PRO B 15 -23.20 -8.79 3.27
CA PRO B 15 -22.09 -7.82 3.35
C PRO B 15 -20.78 -8.34 2.80
N ALA B 16 -20.41 -9.59 3.08
CA ALA B 16 -19.08 -10.06 2.66
C ALA B 16 -19.00 -10.29 1.15
N GLY B 17 -20.02 -10.93 0.57
CA GLY B 17 -20.00 -11.14 -0.87
C GLY B 17 -20.05 -9.84 -1.65
N ALA B 18 -20.92 -8.91 -1.22
CA ALA B 18 -21.03 -7.63 -1.89
C ALA B 18 -19.73 -6.83 -1.77
N ALA B 19 -19.13 -6.82 -0.57
CA ALA B 19 -17.88 -6.09 -0.41
C ALA B 19 -16.78 -6.69 -1.28
N THR B 20 -16.72 -8.02 -1.38
CA THR B 20 -15.67 -8.65 -2.18
C THR B 20 -15.85 -8.31 -3.66
N ALA B 21 -17.09 -8.39 -4.15
CA ALA B 21 -17.39 -8.06 -5.53
C ALA B 21 -17.04 -6.60 -5.85
N ILE B 22 -17.41 -5.68 -4.97
CA ILE B 22 -17.03 -4.29 -5.21
C ILE B 22 -15.52 -4.12 -5.13
N GLY B 23 -14.86 -4.82 -4.20
CA GLY B 23 -13.40 -4.75 -4.14
C GLY B 23 -12.75 -5.29 -5.41
N LEU B 24 -13.33 -6.35 -5.97
CA LEU B 24 -12.79 -6.85 -7.23
C LEU B 24 -12.98 -5.83 -8.36
N ARG B 25 -14.13 -5.14 -8.41
CA ARG B 25 -14.36 -4.07 -9.38
C ARG B 25 -13.28 -3.01 -9.31
N ARG B 26 -12.99 -2.53 -8.08
N ARG B 26 -12.98 -2.54 -8.09
CA ARG B 26 -11.95 -1.55 -7.86
CA ARG B 26 -11.95 -1.52 -7.92
C ARG B 26 -10.63 -1.99 -8.48
C ARG B 26 -10.59 -1.98 -8.41
N LEU B 27 -10.34 -3.29 -8.44
CA LEU B 27 -9.12 -3.80 -9.05
C LEU B 27 -9.26 -3.99 -10.55
N GLY B 28 -10.41 -3.62 -11.12
CA GLY B 28 -10.62 -3.68 -12.54
C GLY B 28 -11.25 -4.95 -13.07
N TYR B 29 -11.71 -5.86 -12.20
CA TYR B 29 -12.28 -7.13 -12.66
C TYR B 29 -13.77 -7.03 -12.92
N ALA B 30 -14.24 -7.68 -13.98
CA ALA B 30 -15.66 -7.98 -14.13
C ALA B 30 -16.08 -9.06 -13.14
N VAL B 31 -17.28 -8.95 -12.59
N VAL B 31 -17.30 -8.94 -12.60
CA VAL B 31 -17.71 -9.91 -11.58
CA VAL B 31 -17.77 -9.75 -11.50
C VAL B 31 -19.23 -10.01 -11.59
C VAL B 31 -19.27 -9.99 -11.64
N THR B 32 -19.69 -11.23 -11.41
CA THR B 32 -21.11 -11.57 -11.31
C THR B 32 -21.41 -12.08 -9.91
N VAL B 33 -22.48 -11.59 -9.31
CA VAL B 33 -22.95 -12.09 -8.03
C VAL B 33 -24.25 -12.85 -8.26
N VAL B 34 -24.35 -14.04 -7.69
CA VAL B 34 -25.58 -14.82 -7.66
C VAL B 34 -26.08 -14.84 -6.23
N SER B 35 -27.31 -14.41 -6.01
CA SER B 35 -27.83 -14.48 -4.64
C SER B 35 -29.34 -14.60 -4.65
N GLU B 36 -29.86 -15.24 -3.61
N GLU B 36 -29.87 -15.22 -3.60
CA GLU B 36 -31.29 -15.36 -3.38
CA GLU B 36 -31.31 -15.36 -3.42
C GLU B 36 -31.80 -14.16 -2.59
C GLU B 36 -31.84 -14.23 -2.55
N TRP B 37 -32.98 -13.67 -2.96
CA TRP B 37 -33.64 -12.63 -2.17
C TRP B 37 -34.38 -13.30 -1.03
N ARG B 38 -33.97 -13.02 0.21
CA ARG B 38 -34.56 -13.68 1.37
C ARG B 38 -35.87 -13.01 1.73
N ARG B 39 -36.93 -13.82 1.84
CA ARG B 39 -38.23 -13.29 2.22
C ARG B 39 -38.20 -12.72 3.64
N PHE B 40 -37.67 -13.50 4.58
CA PHE B 40 -37.58 -13.08 5.97
C PHE B 40 -36.12 -12.96 6.39
N ALA B 41 -35.81 -11.88 7.11
CA ALA B 41 -34.54 -11.71 7.79
C ALA B 41 -34.79 -10.97 9.09
N ALA B 42 -34.11 -11.39 10.14
CA ALA B 42 -34.36 -10.77 11.43
C ALA B 42 -33.75 -9.37 11.46
N VAL B 43 -34.09 -8.64 12.49
CA VAL B 43 -33.45 -7.36 12.76
C VAL B 43 -32.14 -7.63 13.49
N GLU B 44 -31.13 -6.80 13.24
CA GLU B 44 -29.85 -6.93 13.92
C GLU B 44 -29.50 -5.60 14.57
N GLY B 45 -28.60 -5.65 15.56
CA GLY B 45 -28.09 -4.46 16.21
C GLY B 45 -26.67 -4.17 15.75
N VAL B 46 -26.42 -2.92 15.40
CA VAL B 46 -25.10 -2.54 14.92
C VAL B 46 -24.64 -1.22 15.52
N SER B 47 -23.32 -1.09 15.60
CA SER B 47 -22.65 0.12 16.07
C SER B 47 -22.46 1.12 14.94
N GLN B 48 -22.02 2.31 15.34
CA GLN B 48 -21.61 3.32 14.37
C GLN B 48 -20.52 2.78 13.45
N ARG B 49 -19.59 1.99 14.00
CA ARG B 49 -18.49 1.47 13.22
C ARG B 49 -18.97 0.55 12.10
N VAL B 50 -20.09 -0.13 12.31
CA VAL B 50 -20.63 -0.96 11.24
C VAL B 50 -21.10 -0.09 10.09
N LEU B 51 -21.92 0.93 10.40
CA LEU B 51 -22.35 1.90 9.40
C LEU B 51 -21.16 2.43 8.60
N GLU B 52 -20.09 2.81 9.32
CA GLU B 52 -18.94 3.39 8.65
C GLU B 52 -18.24 2.35 7.76
N GLY B 53 -18.07 1.13 8.26
CA GLY B 53 -17.44 0.12 7.44
C GLY B 53 -18.27 -0.20 6.20
N LEU B 54 -19.59 -0.15 6.35
CA LEU B 54 -20.48 -0.44 5.23
C LEU B 54 -20.45 0.68 4.20
N ARG B 55 -20.38 1.94 4.64
CA ARG B 55 -20.17 3.04 3.70
C ARG B 55 -18.81 2.91 3.00
N HIS B 56 -17.77 2.55 3.75
CA HIS B 56 -16.42 2.43 3.22
C HIS B 56 -16.37 1.43 2.05
N VAL B 57 -16.90 0.23 2.25
CA VAL B 57 -16.71 -0.85 1.27
C VAL B 57 -17.61 -0.62 0.07
N GLY B 58 -18.39 0.45 0.08
CA GLY B 58 -19.24 0.79 -1.04
C GLY B 58 -20.68 0.40 -0.89
N LEU B 59 -21.16 0.16 0.33
CA LEU B 59 -22.53 -0.29 0.56
C LEU B 59 -23.36 0.73 1.34
N GLY B 60 -22.98 2.00 1.32
CA GLY B 60 -23.71 2.99 2.12
C GLY B 60 -25.14 3.22 1.66
N GLY B 61 -25.39 3.07 0.37
CA GLY B 61 -26.72 3.36 -0.14
C GLY B 61 -27.79 2.44 0.42
N ALA B 62 -27.44 1.17 0.63
CA ALA B 62 -28.40 0.22 1.19
C ALA B 62 -28.77 0.55 2.64
N LEU B 63 -27.96 1.38 3.32
CA LEU B 63 -28.29 1.78 4.68
C LEU B 63 -29.51 2.69 4.76
N ARG B 64 -29.93 3.30 3.64
CA ARG B 64 -30.99 4.31 3.68
C ARG B 64 -32.31 3.70 4.10
N GLN B 65 -32.93 4.28 5.12
CA GLN B 65 -34.19 3.82 5.70
C GLN B 65 -34.07 2.45 6.35
N ALA B 66 -32.87 1.87 6.44
CA ALA B 66 -32.70 0.55 7.04
C ALA B 66 -32.10 0.59 8.45
N ALA B 67 -31.38 1.65 8.80
CA ALA B 67 -30.82 1.80 10.13
C ALA B 67 -31.64 2.79 10.94
N MET B 68 -31.83 2.49 12.22
CA MET B 68 -32.69 3.28 13.11
C MET B 68 -32.06 3.30 14.50
N PRO B 69 -31.85 4.48 15.09
CA PRO B 69 -31.30 4.53 16.45
C PRO B 69 -32.26 3.91 17.47
N ALA B 70 -31.68 3.38 18.55
CA ALA B 70 -32.47 2.78 19.60
C ALA B 70 -31.69 2.79 20.91
N THR B 71 -32.40 3.00 21.99
CA THR B 71 -31.81 2.81 23.31
C THR B 71 -31.43 1.35 23.51
N ARG B 72 -30.47 1.11 24.40
CA ARG B 72 -30.12 -0.26 24.76
C ARG B 72 -29.84 -0.34 26.24
N GLN B 73 -30.61 -1.17 26.93
CA GLN B 73 -30.33 -1.51 28.31
C GLN B 73 -29.78 -2.91 28.38
N VAL B 74 -28.86 -3.11 29.32
CA VAL B 74 -28.20 -4.40 29.48
C VAL B 74 -28.29 -4.82 30.93
N HIS B 75 -28.80 -6.03 31.14
CA HIS B 75 -28.79 -6.69 32.44
C HIS B 75 -27.74 -7.77 32.39
N TRP B 76 -26.68 -7.63 33.19
CA TRP B 76 -25.53 -8.53 33.12
C TRP B 76 -24.80 -8.46 34.45
N ASN B 77 -24.31 -9.60 34.91
CA ASN B 77 -23.53 -9.67 36.15
C ASN B 77 -24.33 -9.14 37.34
N GLY B 78 -25.66 -9.23 37.28
CA GLY B 78 -26.48 -8.61 38.33
C GLY B 78 -26.52 -7.11 38.27
N GLN B 79 -26.02 -6.51 37.19
CA GLN B 79 -26.01 -5.07 37.01
C GLN B 79 -27.04 -4.68 35.97
N GLN B 80 -27.42 -3.41 36.00
CA GLN B 80 -28.28 -2.83 34.98
C GLN B 80 -27.53 -1.66 34.38
N LEU B 81 -27.16 -1.80 33.12
CA LEU B 81 -26.35 -0.82 32.40
C LEU B 81 -27.26 -0.10 31.40
N HIS B 82 -27.02 1.18 31.21
CA HIS B 82 -27.68 1.92 30.15
C HIS B 82 -26.57 2.41 29.25
N LEU B 83 -26.41 1.75 28.12
CA LEU B 83 -25.22 1.90 27.29
C LEU B 83 -25.51 2.84 26.13
N ASN B 84 -24.42 3.30 25.51
CA ASN B 84 -24.50 4.27 24.43
C ASN B 84 -25.44 3.77 23.34
N GLN B 85 -26.26 4.69 22.85
CA GLN B 85 -27.27 4.36 21.85
C GLN B 85 -26.61 3.82 20.58
N GLU B 86 -27.10 2.69 20.10
CA GLU B 86 -26.64 2.10 18.86
C GLU B 86 -27.80 2.03 17.86
N PHE B 87 -27.74 1.12 16.90
CA PHE B 87 -28.73 1.12 15.83
C PHE B 87 -29.35 -0.27 15.66
N LEU B 88 -30.57 -0.27 15.14
CA LEU B 88 -31.29 -1.47 14.76
C LEU B 88 -31.38 -1.48 13.25
N LEU B 89 -30.92 -2.56 12.64
CA LEU B 89 -30.81 -2.63 11.20
C LEU B 89 -31.84 -3.64 10.67
N ASP B 90 -32.73 -3.16 9.82
CA ASP B 90 -33.70 -4.00 9.13
C ASP B 90 -32.96 -4.75 8.02
N ARG B 91 -32.61 -6.02 8.27
CA ARG B 91 -31.75 -6.72 7.31
C ARG B 91 -32.49 -7.01 6.01
N GLN B 92 -33.81 -7.17 6.07
N GLN B 92 -33.80 -7.18 6.07
CA GLN B 92 -34.57 -7.41 4.85
CA GLN B 92 -34.57 -7.41 4.85
C GLN B 92 -34.43 -6.24 3.88
C GLN B 92 -34.41 -6.24 3.89
N ARG B 93 -34.63 -5.03 4.38
CA ARG B 93 -34.48 -3.85 3.56
C ARG B 93 -33.03 -3.64 3.15
N PHE B 94 -32.10 -3.92 4.08
CA PHE B 94 -30.69 -3.66 3.80
C PHE B 94 -30.13 -4.62 2.76
N ASP B 95 -30.52 -5.90 2.82
CA ASP B 95 -30.05 -6.88 1.85
C ASP B 95 -30.65 -6.61 0.47
N ARG B 96 -31.95 -6.30 0.41
N ARG B 96 -31.94 -6.29 0.42
CA ARG B 96 -32.59 -5.96 -0.86
CA ARG B 96 -32.58 -5.98 -0.86
C ARG B 96 -31.86 -4.81 -1.53
C ARG B 96 -31.93 -4.77 -1.53
N ALA B 97 -31.43 -3.82 -0.75
CA ALA B 97 -30.82 -2.65 -1.32
C ALA B 97 -29.37 -2.89 -1.73
N LEU B 98 -28.69 -3.86 -1.11
CA LEU B 98 -27.32 -4.18 -1.54
C LEU B 98 -27.26 -4.48 -3.03
N ARG B 99 -28.35 -4.99 -3.59
CA ARG B 99 -28.40 -5.25 -5.03
C ARG B 99 -28.22 -3.97 -5.83
N ASP B 100 -28.82 -2.87 -5.35
CA ASP B 100 -28.68 -1.60 -6.05
C ASP B 100 -27.25 -1.08 -5.94
N ASP B 101 -26.63 -1.23 -4.78
CA ASP B 101 -25.26 -0.79 -4.64
C ASP B 101 -24.32 -1.60 -5.53
N LEU B 102 -24.59 -2.89 -5.67
CA LEU B 102 -23.78 -3.72 -6.55
C LEU B 102 -23.90 -3.24 -7.99
N GLN B 103 -25.13 -3.04 -8.46
CA GLN B 103 -25.35 -2.66 -9.85
C GLN B 103 -24.83 -1.26 -10.15
N ARG B 104 -24.89 -0.36 -9.18
CA ARG B 104 -24.26 0.95 -9.33
C ARG B 104 -22.75 0.82 -9.44
N ALA B 105 -22.16 -0.21 -8.87
CA ALA B 105 -20.74 -0.46 -8.98
C ALA B 105 -20.37 -1.25 -10.24
N GLY B 106 -21.33 -1.57 -11.10
CA GLY B 106 -21.02 -2.32 -12.30
C GLY B 106 -20.93 -3.82 -12.11
N VAL B 107 -21.38 -4.34 -10.97
CA VAL B 107 -21.42 -5.78 -10.77
C VAL B 107 -22.66 -6.35 -11.46
N SER B 108 -22.50 -7.44 -12.21
CA SER B 108 -23.67 -8.14 -12.74
C SER B 108 -24.34 -8.93 -11.61
N VAL B 109 -25.64 -8.77 -11.45
CA VAL B 109 -26.36 -9.46 -10.39
C VAL B 109 -27.33 -10.46 -11.02
N VAL B 110 -27.30 -11.69 -10.51
CA VAL B 110 -28.21 -12.74 -10.94
C VAL B 110 -29.02 -13.16 -9.72
N GLU B 111 -30.33 -13.00 -9.79
CA GLU B 111 -31.19 -13.42 -8.69
C GLU B 111 -31.50 -14.90 -8.86
N GLY B 112 -31.22 -15.68 -7.82
CA GLY B 112 -31.48 -17.11 -7.88
C GLY B 112 -30.93 -17.80 -6.64
N ARG B 113 -31.46 -18.99 -6.41
CA ARG B 113 -30.94 -19.87 -5.38
C ARG B 113 -30.05 -20.92 -6.04
N VAL B 114 -28.81 -21.00 -5.55
CA VAL B 114 -27.86 -22.03 -5.95
C VAL B 114 -28.27 -23.36 -5.32
N ARG B 115 -28.52 -24.36 -6.15
CA ARG B 115 -28.89 -25.68 -5.67
C ARG B 115 -27.73 -26.66 -5.76
N GLU B 116 -26.72 -26.37 -6.58
CA GLU B 116 -25.61 -27.29 -6.72
C GLU B 116 -24.44 -26.53 -7.33
N VAL B 117 -23.24 -26.95 -6.93
CA VAL B 117 -21.99 -26.49 -7.53
C VAL B 117 -21.17 -27.74 -7.82
N VAL B 118 -20.79 -27.94 -9.07
CA VAL B 118 -19.96 -29.07 -9.47
C VAL B 118 -18.58 -28.56 -9.83
N ARG B 119 -17.60 -29.45 -9.69
CA ARG B 119 -16.28 -29.23 -10.23
C ARG B 119 -16.19 -29.89 -11.60
N ASP B 120 -15.80 -29.13 -12.61
CA ASP B 120 -15.71 -29.58 -14.00
C ASP B 120 -14.93 -28.53 -14.79
N VAL B 121 -13.66 -28.82 -15.08
CA VAL B 121 -12.59 -27.83 -15.30
C VAL B 121 -12.68 -26.73 -14.23
N GLY B 122 -13.64 -25.83 -14.35
CA GLY B 122 -13.93 -24.80 -13.34
C GLY B 122 -15.09 -25.20 -12.44
N HIS B 123 -15.96 -24.24 -12.15
CA HIS B 123 -17.11 -24.39 -11.27
C HIS B 123 -18.40 -24.30 -12.06
N GLY B 124 -19.23 -25.34 -11.97
CA GLY B 124 -20.53 -25.34 -12.61
C GLY B 124 -21.58 -25.09 -11.55
N ILE B 125 -22.33 -24.02 -11.72
CA ILE B 125 -23.35 -23.61 -10.75
C ILE B 125 -24.72 -23.90 -11.35
N ARG B 126 -25.61 -24.44 -10.53
N ARG B 126 -25.60 -24.51 -10.57
CA ARG B 126 -26.97 -24.80 -10.91
CA ARG B 126 -26.96 -24.74 -10.99
C ARG B 126 -27.94 -24.04 -10.01
C ARG B 126 -27.91 -24.01 -10.05
N LEU B 127 -28.90 -23.35 -10.62
CA LEU B 127 -29.88 -22.55 -9.91
C LEU B 127 -31.20 -23.31 -9.76
N ASP B 128 -32.03 -22.83 -8.82
CA ASP B 128 -33.36 -23.40 -8.56
C ASP B 128 -34.30 -23.32 -9.75
N ASP B 129 -34.07 -22.40 -10.69
CA ASP B 129 -34.94 -22.30 -11.86
C ASP B 129 -34.40 -23.09 -13.05
N GLY B 130 -33.41 -23.94 -12.83
CA GLY B 130 -32.81 -24.72 -13.89
C GLY B 130 -31.69 -24.03 -14.64
N GLN B 131 -31.47 -22.74 -14.44
CA GLN B 131 -30.37 -22.10 -15.15
C GLN B 131 -29.01 -22.51 -14.54
N VAL B 132 -27.96 -22.32 -15.33
CA VAL B 132 -26.60 -22.70 -14.95
C VAL B 132 -25.64 -21.55 -15.23
N LEU B 133 -24.53 -21.54 -14.49
CA LEU B 133 -23.41 -20.64 -14.79
C LEU B 133 -22.12 -21.43 -14.73
N GLN B 134 -21.14 -21.02 -15.55
CA GLN B 134 -19.80 -21.60 -15.53
C GLN B 134 -18.84 -20.50 -15.12
N ALA B 135 -17.99 -20.78 -14.12
CA ALA B 135 -17.05 -19.81 -13.55
C ALA B 135 -15.65 -20.37 -13.51
N ASP B 136 -14.66 -19.50 -13.79
CA ASP B 136 -13.27 -19.87 -13.59
C ASP B 136 -12.84 -19.71 -12.12
N PHE B 137 -13.43 -18.76 -11.41
CA PHE B 137 -13.09 -18.47 -10.02
C PHE B 137 -14.38 -18.26 -9.24
N LEU B 138 -14.46 -18.86 -8.07
CA LEU B 138 -15.66 -18.82 -7.23
C LEU B 138 -15.33 -18.15 -5.90
N VAL B 139 -16.12 -17.15 -5.54
CA VAL B 139 -16.08 -16.57 -4.20
C VAL B 139 -17.29 -17.12 -3.45
N GLU B 140 -17.03 -17.94 -2.44
CA GLU B 140 -18.08 -18.55 -1.62
C GLU B 140 -18.43 -17.57 -0.51
N ALA B 141 -19.60 -16.95 -0.62
CA ALA B 141 -20.02 -15.94 0.35
C ALA B 141 -21.45 -16.18 0.80
N ARG B 142 -21.83 -17.45 0.94
CA ARG B 142 -23.19 -17.75 1.35
C ARG B 142 -23.35 -17.82 2.87
N GLY B 143 -22.35 -17.35 3.62
CA GLY B 143 -22.53 -17.26 5.05
C GLY B 143 -22.59 -18.62 5.71
N ARG B 144 -23.43 -18.71 6.74
N ARG B 144 -23.43 -18.71 6.74
CA ARG B 144 -23.61 -19.98 7.44
CA ARG B 144 -23.57 -19.98 7.44
C ARG B 144 -24.21 -21.05 6.54
C ARG B 144 -24.26 -21.04 6.58
N GLN B 145 -24.83 -20.66 5.44
CA GLN B 145 -25.39 -21.59 4.44
C GLN B 145 -24.37 -22.07 3.41
N ALA B 146 -23.09 -21.74 3.58
CA ALA B 146 -22.05 -22.24 2.68
C ALA B 146 -21.92 -23.75 2.84
N PRO B 147 -21.36 -24.44 1.84
CA PRO B 147 -21.29 -25.90 1.89
C PRO B 147 -20.66 -26.43 3.17
N LEU B 148 -21.18 -27.55 3.64
CA LEU B 148 -20.66 -28.20 4.83
C LEU B 148 -19.28 -28.78 4.54
N ALA B 149 -18.27 -28.33 5.28
CA ALA B 149 -16.92 -28.85 5.13
C ALA B 149 -16.32 -28.94 6.51
N ALA B 150 -15.01 -29.18 6.57
CA ALA B 150 -14.37 -29.34 7.86
C ALA B 150 -14.01 -27.97 8.43
N ASP B 151 -13.97 -27.90 9.74
CA ASP B 151 -13.74 -26.65 10.46
C ASP B 151 -12.43 -26.74 11.21
N ARG B 152 -11.60 -25.71 11.09
CA ARG B 152 -10.39 -25.61 11.90
C ARG B 152 -10.73 -25.52 13.39
N LEU B 153 -11.79 -24.78 13.72
CA LEU B 153 -12.25 -24.62 15.10
C LEU B 153 -13.76 -24.52 15.10
N ARG B 154 -14.40 -25.20 16.07
CA ARG B 154 -15.80 -24.98 16.42
C ARG B 154 -15.87 -24.75 17.91
N GLY B 155 -16.60 -23.71 18.31
CA GLY B 155 -16.81 -23.48 19.74
C GLY B 155 -17.88 -24.39 20.28
N PRO B 156 -18.26 -24.20 21.54
CA PRO B 156 -19.40 -24.95 22.09
C PRO B 156 -20.59 -24.82 21.16
N GLU B 157 -21.24 -25.95 20.86
CA GLU B 157 -22.37 -25.92 19.95
C GLU B 157 -23.50 -25.07 20.54
N THR B 158 -23.99 -24.13 19.74
CA THR B 158 -24.83 -23.04 20.22
C THR B 158 -26.00 -22.89 19.27
N VAL B 159 -27.18 -22.57 19.83
CA VAL B 159 -28.37 -22.34 19.05
C VAL B 159 -28.99 -21.03 19.52
N SER B 160 -29.54 -20.27 18.59
CA SER B 160 -30.29 -19.07 18.93
C SER B 160 -31.72 -19.26 18.45
N LEU B 161 -32.67 -19.09 19.35
CA LEU B 161 -34.09 -19.22 19.03
C LEU B 161 -34.68 -17.82 18.98
N LEU B 162 -35.44 -17.53 17.93
CA LEU B 162 -35.97 -16.21 17.70
C LEU B 162 -37.49 -16.26 17.71
N ASN B 163 -38.11 -15.38 18.51
CA ASN B 163 -39.54 -15.10 18.40
C ASN B 163 -39.70 -13.76 17.71
N VAL B 164 -40.67 -13.70 16.78
CA VAL B 164 -41.03 -12.47 16.09
C VAL B 164 -42.54 -12.30 16.20
N TRP B 165 -42.99 -11.10 16.53
CA TRP B 165 -44.40 -10.80 16.61
C TRP B 165 -44.58 -9.31 16.38
N GLN B 166 -45.84 -8.90 16.30
CA GLN B 166 -46.23 -7.52 16.05
C GLN B 166 -46.91 -6.96 17.29
N ALA B 167 -46.65 -5.70 17.57
CA ALA B 167 -47.30 -5.02 18.67
C ALA B 167 -47.50 -3.56 18.28
N ALA B 168 -47.85 -2.74 19.26
CA ALA B 168 -48.20 -1.36 18.97
C ALA B 168 -46.97 -0.57 18.52
N PRO B 169 -47.11 0.31 17.53
CA PRO B 169 -46.05 1.28 17.25
C PRO B 169 -45.65 2.03 18.51
N GLY B 170 -44.35 2.25 18.66
CA GLY B 170 -43.83 2.83 19.89
C GLY B 170 -42.36 3.24 19.80
N ALA B 171 -41.67 3.22 20.92
CA ALA B 171 -40.31 3.74 20.92
C ALA B 171 -39.31 2.62 20.62
N PRO B 172 -38.40 2.82 19.66
CA PRO B 172 -37.40 1.78 19.35
C PRO B 172 -36.49 1.50 20.54
N ALA B 173 -36.67 0.34 21.16
CA ALA B 173 -35.92 -0.06 22.33
C ALA B 173 -35.25 -1.40 22.09
N SER B 174 -34.22 -1.68 22.88
CA SER B 174 -33.55 -2.97 22.81
C SER B 174 -32.95 -3.24 24.18
N ALA B 175 -32.86 -4.53 24.51
CA ALA B 175 -32.27 -4.93 25.78
C ALA B 175 -31.53 -6.24 25.58
N VAL B 176 -30.52 -6.45 26.42
CA VAL B 176 -29.80 -7.71 26.53
C VAL B 176 -29.95 -8.20 27.97
N GLU B 177 -30.20 -9.49 28.14
CA GLU B 177 -30.46 -10.07 29.46
C GLU B 177 -29.64 -11.33 29.66
N SER B 178 -28.77 -11.34 30.67
CA SER B 178 -28.17 -12.56 31.16
C SER B 178 -29.21 -13.49 31.77
N LEU B 179 -29.11 -14.78 31.48
CA LEU B 179 -29.98 -15.83 32.02
C LEU B 179 -29.13 -16.88 32.71
N ALA B 180 -29.78 -17.75 33.48
CA ALA B 180 -28.99 -18.77 34.19
C ALA B 180 -28.21 -19.64 33.21
N ASP B 181 -28.77 -19.91 32.03
CA ASP B 181 -28.15 -20.90 31.14
C ASP B 181 -28.09 -20.39 29.71
N GLY B 182 -28.03 -19.07 29.54
CA GLY B 182 -28.07 -18.47 28.22
C GLY B 182 -28.12 -16.97 28.36
N TRP B 183 -28.42 -16.30 27.25
CA TRP B 183 -28.65 -14.87 27.25
C TRP B 183 -29.60 -14.53 26.13
N ALA B 184 -30.35 -13.45 26.31
CA ALA B 184 -31.36 -13.03 25.36
C ALA B 184 -31.08 -11.62 24.89
N TRP B 185 -31.35 -11.39 23.62
CA TRP B 185 -31.42 -10.05 23.04
C TRP B 185 -32.86 -9.79 22.61
N MET B 186 -33.33 -8.56 22.77
CA MET B 186 -34.70 -8.27 22.36
C MET B 186 -34.76 -6.85 21.85
N ALA B 187 -35.71 -6.61 20.94
CA ALA B 187 -35.84 -5.31 20.31
C ALA B 187 -37.28 -5.04 19.91
N ARG B 188 -37.67 -3.78 20.06
CA ARG B 188 -38.98 -3.29 19.64
C ARG B 188 -38.73 -2.18 18.64
N LEU B 189 -39.29 -2.32 17.43
CA LEU B 189 -39.11 -1.33 16.39
C LEU B 189 -40.15 -0.21 16.50
N GLU B 190 -39.89 0.90 15.80
CA GLU B 190 -40.81 2.01 15.80
C GLU B 190 -42.17 1.60 15.25
N ASP B 191 -42.19 0.79 14.20
CA ASP B 191 -43.43 0.32 13.58
C ASP B 191 -44.11 -0.80 14.37
N GLY B 192 -43.57 -1.19 15.52
CA GLY B 192 -44.19 -2.17 16.37
C GLY B 192 -43.70 -3.59 16.19
N ARG B 193 -42.82 -3.85 15.23
CA ARG B 193 -42.26 -5.19 15.11
C ARG B 193 -41.41 -5.51 16.33
N CYS B 194 -41.49 -6.76 16.77
CA CYS B 194 -40.87 -7.19 18.02
C CYS B 194 -40.06 -8.45 17.79
N TYR B 195 -38.91 -8.50 18.44
CA TYR B 195 -37.96 -9.60 18.32
C TYR B 195 -37.44 -9.97 19.70
N TRP B 196 -37.32 -11.27 19.95
CA TRP B 196 -36.67 -11.79 21.15
C TRP B 196 -35.86 -13.00 20.73
N GLN B 197 -34.58 -13.01 21.07
CA GLN B 197 -33.67 -14.03 20.57
C GLN B 197 -32.83 -14.55 21.73
N VAL B 198 -32.94 -15.82 22.04
CA VAL B 198 -32.20 -16.40 23.15
C VAL B 198 -31.12 -17.31 22.59
N THR B 199 -29.91 -17.18 23.13
CA THR B 199 -28.78 -17.99 22.70
C THR B 199 -28.43 -18.97 23.82
N LEU B 200 -28.35 -20.26 23.46
CA LEU B 200 -28.32 -21.39 24.40
C LEU B 200 -27.34 -22.47 23.93
N ASP B 201 -27.03 -23.40 24.83
CA ASP B 201 -26.33 -24.61 24.41
C ASP B 201 -27.23 -25.42 23.49
N ALA B 202 -26.65 -26.07 22.50
CA ALA B 202 -27.43 -26.90 21.59
C ALA B 202 -28.05 -28.08 22.33
N ALA B 203 -27.30 -28.73 23.20
CA ALA B 203 -27.77 -29.96 23.82
C ALA B 203 -28.88 -29.69 24.83
N GLY B 204 -29.81 -30.63 24.94
CA GLY B 204 -30.88 -30.51 25.90
C GLY B 204 -32.06 -29.67 25.47
N LEU B 205 -32.05 -29.16 24.25
CA LEU B 205 -33.22 -28.45 23.74
C LEU B 205 -34.32 -29.44 23.36
N PRO B 206 -35.57 -29.00 23.36
CA PRO B 206 -36.64 -29.83 22.80
C PRO B 206 -36.48 -30.01 21.30
N GLY B 207 -37.10 -31.06 20.78
CA GLY B 207 -37.27 -31.17 19.34
C GLY B 207 -38.21 -30.10 18.84
N LYS B 208 -38.32 -30.03 17.51
CA LYS B 208 -39.02 -28.91 16.87
C LYS B 208 -40.44 -28.70 17.43
N ALA B 209 -41.09 -29.78 17.86
CA ALA B 209 -42.47 -29.68 18.34
C ALA B 209 -42.57 -28.89 19.64
N GLY B 210 -41.53 -28.92 20.46
CA GLY B 210 -41.58 -28.27 21.76
C GLY B 210 -40.97 -26.89 21.84
N LEU B 211 -40.43 -26.35 20.74
CA LEU B 211 -39.69 -25.09 20.78
C LEU B 211 -40.61 -23.90 21.08
N ALA B 212 -41.81 -23.90 20.51
CA ALA B 212 -42.70 -22.76 20.75
C ALA B 212 -43.03 -22.64 22.25
N ASP B 213 -43.32 -23.76 22.91
CA ASP B 213 -43.60 -23.71 24.35
C ASP B 213 -42.35 -23.34 25.13
N TYR B 214 -41.20 -23.80 24.66
CA TYR B 214 -39.95 -23.50 25.34
C TYR B 214 -39.67 -22.00 25.31
N CYS B 215 -39.82 -21.37 24.14
CA CYS B 215 -39.60 -19.92 24.04
C CYS B 215 -40.70 -19.13 24.75
N ALA B 216 -41.94 -19.60 24.64
CA ALA B 216 -43.04 -18.94 25.38
C ALA B 216 -42.74 -18.91 26.88
N ALA B 217 -42.29 -20.04 27.44
CA ALA B 217 -42.05 -20.11 28.87
C ALA B 217 -40.94 -19.18 29.31
N ARG B 218 -39.86 -19.09 28.51
CA ARG B 218 -38.75 -18.21 28.84
C ARG B 218 -39.13 -16.74 28.72
N ARG B 219 -39.86 -16.37 27.68
CA ARG B 219 -40.30 -14.97 27.59
C ARG B 219 -41.27 -14.64 28.73
N ALA B 220 -42.17 -15.57 29.05
CA ALA B 220 -43.09 -15.35 30.16
C ALA B 220 -42.35 -15.10 31.46
N ASP B 221 -41.15 -15.67 31.62
CA ASP B 221 -40.45 -15.54 32.89
C ASP B 221 -39.61 -14.28 33.00
N SER B 222 -39.50 -13.49 31.93
CA SER B 222 -38.60 -12.35 31.90
C SER B 222 -39.36 -11.08 32.27
N ALA B 223 -38.94 -10.44 33.38
CA ALA B 223 -39.52 -9.16 33.74
C ALA B 223 -39.15 -8.09 32.73
N LEU B 224 -37.96 -8.22 32.12
CA LEU B 224 -37.56 -7.30 31.06
C LEU B 224 -38.48 -7.42 29.85
N VAL B 225 -38.85 -8.65 29.47
CA VAL B 225 -39.80 -8.79 28.36
C VAL B 225 -41.12 -8.10 28.71
N THR B 226 -41.61 -8.30 29.93
CA THR B 226 -42.87 -7.63 30.33
C THR B 226 -42.72 -6.12 30.28
N GLU B 227 -41.53 -5.61 30.61
CA GLU B 227 -41.33 -4.16 30.66
C GLU B 227 -41.24 -3.55 29.26
N LEU B 228 -40.39 -4.13 28.39
CA LEU B 228 -40.19 -3.55 27.06
C LEU B 228 -41.42 -3.71 26.18
N PHE B 229 -42.16 -4.79 26.35
CA PHE B 229 -43.23 -5.14 25.42
C PHE B 229 -44.58 -4.99 26.10
N ASP B 230 -45.58 -4.63 25.30
CA ASP B 230 -46.96 -4.53 25.77
C ASP B 230 -47.70 -5.82 25.44
N ALA B 231 -47.96 -6.03 24.16
CA ALA B 231 -48.39 -7.34 23.69
C ALA B 231 -47.16 -8.23 23.54
N ARG B 232 -47.28 -9.49 23.98
CA ARG B 232 -46.19 -10.45 23.89
C ARG B 232 -46.45 -11.57 22.90
N ALA B 233 -47.71 -11.83 22.54
CA ALA B 233 -48.06 -12.89 21.60
C ALA B 233 -47.38 -14.20 21.97
N LEU B 234 -47.58 -14.62 23.22
CA LEU B 234 -46.82 -15.76 23.72
C LEU B 234 -47.18 -17.05 23.02
N ALA B 235 -48.38 -17.12 22.43
CA ALA B 235 -48.82 -18.32 21.72
C ALA B 235 -48.64 -18.24 20.23
N SER B 236 -48.78 -17.06 19.63
CA SER B 236 -48.79 -16.93 18.18
C SER B 236 -47.48 -16.44 17.58
N ALA B 237 -46.50 -16.05 18.40
CA ALA B 237 -45.26 -15.52 17.85
C ALA B 237 -44.62 -16.57 16.96
N GLU B 238 -44.02 -16.12 15.85
CA GLU B 238 -43.21 -17.03 15.03
C GLU B 238 -42.04 -17.55 15.83
N VAL B 239 -41.60 -18.75 15.51
CA VAL B 239 -40.45 -19.40 16.16
C VAL B 239 -39.43 -19.74 15.08
N HIS B 240 -38.19 -19.29 15.26
CA HIS B 240 -37.11 -19.56 14.32
C HIS B 240 -35.90 -20.08 15.08
N ALA B 241 -35.27 -21.13 14.56
CA ALA B 241 -34.11 -21.73 15.20
C ALA B 241 -32.95 -21.68 14.21
N ARG B 242 -31.78 -21.23 14.66
CA ARG B 242 -30.60 -21.20 13.80
C ARG B 242 -29.34 -21.51 14.60
N SER B 243 -28.38 -22.13 13.91
CA SER B 243 -27.08 -22.43 14.52
C SER B 243 -26.27 -21.14 14.67
N SER B 244 -25.66 -20.97 15.84
CA SER B 244 -24.85 -19.79 16.08
C SER B 244 -23.49 -20.16 16.64
N THR B 245 -23.13 -21.44 16.53
CA THR B 245 -21.81 -21.90 16.93
C THR B 245 -20.72 -21.06 16.29
N ALA B 246 -19.67 -20.77 17.06
CA ALA B 246 -18.50 -20.10 16.49
C ALA B 246 -17.72 -21.08 15.66
N ILE B 247 -17.42 -20.72 14.41
CA ILE B 247 -16.87 -21.66 13.44
C ILE B 247 -15.76 -20.96 12.67
N LEU B 248 -14.60 -21.59 12.61
CA LEU B 248 -13.54 -21.16 11.72
C LEU B 248 -13.37 -22.23 10.64
N ALA B 249 -13.61 -21.86 9.40
CA ALA B 249 -13.56 -22.84 8.32
C ALA B 249 -12.15 -23.42 8.21
N GLY B 250 -12.10 -24.71 7.87
CA GLY B 250 -10.83 -25.40 7.79
C GLY B 250 -10.02 -25.06 6.54
N GLU B 251 -10.69 -24.86 5.41
CA GLU B 251 -10.00 -24.37 4.22
C GLU B 251 -10.77 -23.19 3.65
N CYS B 252 -10.17 -22.00 3.71
N CYS B 252 -10.19 -21.99 3.71
CA CYS B 252 -10.84 -20.78 3.28
CA CYS B 252 -10.90 -20.81 3.25
C CYS B 252 -10.41 -20.31 1.90
C CYS B 252 -10.39 -20.30 1.92
N VAL B 253 -9.52 -21.05 1.24
CA VAL B 253 -9.00 -20.64 -0.05
C VAL B 253 -8.42 -21.86 -0.77
N GLY B 254 -8.64 -21.91 -2.07
CA GLY B 254 -8.07 -22.94 -2.91
C GLY B 254 -7.39 -22.30 -4.11
N GLN B 255 -7.04 -23.09 -5.12
CA GLN B 255 -6.35 -22.50 -6.26
C GLN B 255 -7.27 -21.59 -7.07
N ASP B 256 -8.59 -21.88 -7.10
CA ASP B 256 -9.52 -21.12 -7.91
C ASP B 256 -10.79 -20.77 -7.14
N TRP B 257 -10.72 -20.68 -5.81
CA TRP B 257 -11.90 -20.30 -5.03
C TRP B 257 -11.42 -19.69 -3.71
N ILE B 258 -12.31 -18.96 -3.05
CA ILE B 258 -12.00 -18.37 -1.75
C ILE B 258 -13.31 -18.27 -0.97
N ARG B 259 -13.23 -18.43 0.35
CA ARG B 259 -14.36 -18.18 1.24
C ARG B 259 -14.18 -16.83 1.92
N VAL B 260 -15.27 -16.08 2.07
CA VAL B 260 -15.26 -14.82 2.79
C VAL B 260 -16.48 -14.76 3.70
N GLY B 261 -16.42 -13.88 4.67
CA GLY B 261 -17.54 -13.71 5.58
C GLY B 261 -17.77 -14.90 6.48
N ASP B 262 -19.04 -15.11 6.85
CA ASP B 262 -19.38 -16.24 7.72
C ASP B 262 -19.00 -17.57 7.11
N ALA B 263 -18.93 -17.66 5.77
CA ALA B 263 -18.43 -18.89 5.16
C ALA B 263 -17.00 -19.18 5.59
N ALA B 264 -16.22 -18.14 5.94
CA ALA B 264 -14.83 -18.32 6.36
C ALA B 264 -14.66 -18.30 7.86
N MET B 265 -15.42 -17.45 8.56
CA MET B 265 -15.30 -17.32 9.99
C MET B 265 -16.59 -16.73 10.51
N ALA B 266 -17.13 -17.30 11.57
CA ALA B 266 -18.37 -16.81 12.13
C ALA B 266 -18.24 -16.99 13.63
N VAL B 267 -18.24 -15.90 14.37
CA VAL B 267 -18.15 -16.03 15.80
C VAL B 267 -19.56 -15.90 16.37
N ASP B 268 -19.70 -16.31 17.61
N ASP B 268 -19.71 -16.33 17.62
CA ASP B 268 -20.92 -16.25 18.38
CA ASP B 268 -21.04 -16.32 18.21
C ASP B 268 -21.50 -14.83 18.33
C ASP B 268 -21.51 -14.87 18.39
N PRO B 269 -22.82 -14.64 18.31
CA PRO B 269 -23.34 -13.27 18.21
C PRO B 269 -23.13 -12.38 19.45
N LEU B 270 -22.57 -12.89 20.57
CA LEU B 270 -22.38 -11.97 21.70
C LEU B 270 -21.25 -10.97 21.45
N SER B 271 -20.21 -11.37 20.71
CA SER B 271 -19.12 -10.42 20.38
C SER B 271 -19.65 -9.13 19.79
N GLY B 272 -20.81 -9.19 19.12
CA GLY B 272 -21.49 -8.05 18.53
C GLY B 272 -20.97 -7.65 17.15
N ASN B 273 -21.83 -7.02 16.34
CA ASN B 273 -21.38 -6.43 15.08
C ASN B 273 -20.75 -7.46 14.16
N GLY B 274 -21.34 -8.66 14.10
CA GLY B 274 -20.88 -9.64 13.12
C GLY B 274 -20.74 -9.09 11.70
N ILE B 275 -21.60 -8.14 11.32
CA ILE B 275 -21.49 -7.55 9.98
C ILE B 275 -20.11 -6.93 9.78
N PHE B 276 -19.64 -6.18 10.78
CA PHE B 276 -18.31 -5.59 10.70
C PHE B 276 -17.26 -6.68 10.60
N GLN B 277 -17.42 -7.75 11.37
CA GLN B 277 -16.45 -8.83 11.33
C GLN B 277 -16.43 -9.47 9.95
N SER B 278 -17.59 -9.58 9.32
CA SER B 278 -17.67 -10.19 7.99
C SER B 278 -17.03 -9.28 6.94
N LEU B 279 -17.19 -7.97 7.10
CA LEU B 279 -16.51 -7.04 6.20
C LEU B 279 -15.00 -7.18 6.31
N SER B 280 -14.48 -7.29 7.54
CA SER B 280 -13.05 -7.46 7.77
C SER B 280 -12.53 -8.70 7.06
N SER B 281 -13.31 -9.78 7.07
CA SER B 281 -12.83 -10.99 6.43
C SER B 281 -12.69 -10.80 4.93
N ALA B 282 -13.49 -9.91 4.35
CA ALA B 282 -13.52 -9.66 2.91
C ALA B 282 -12.58 -8.56 2.45
N LEU B 283 -12.07 -7.75 3.38
CA LEU B 283 -11.39 -6.52 3.02
C LEU B 283 -10.17 -6.76 2.14
N GLN B 284 -9.40 -7.80 2.40
CA GLN B 284 -8.22 -8.09 1.62
C GLN B 284 -8.42 -9.34 0.74
N ALA B 285 -9.67 -9.78 0.59
CA ALA B 285 -9.91 -10.88 -0.35
C ALA B 285 -9.59 -10.50 -1.79
N PRO B 286 -9.94 -9.30 -2.30
CA PRO B 286 -9.62 -9.01 -3.71
C PRO B 286 -8.15 -9.14 -4.08
N VAL B 287 -7.22 -8.72 -3.22
CA VAL B 287 -5.81 -8.86 -3.56
C VAL B 287 -5.38 -10.32 -3.52
N VAL B 288 -5.95 -11.11 -2.61
CA VAL B 288 -5.65 -12.55 -2.62
C VAL B 288 -6.12 -13.18 -3.92
N ILE B 289 -7.34 -12.83 -4.35
CA ILE B 289 -7.91 -13.35 -5.61
C ILE B 289 -7.06 -12.89 -6.80
N ASN B 290 -6.70 -11.60 -6.82
CA ASN B 290 -5.82 -11.05 -7.85
C ASN B 290 -4.53 -11.85 -7.96
N THR B 291 -3.95 -12.24 -6.83
CA THR B 291 -2.72 -13.02 -6.84
C THR B 291 -2.95 -14.43 -7.39
N LEU B 292 -4.01 -15.10 -6.95
CA LEU B 292 -4.34 -16.42 -7.46
C LEU B 292 -4.58 -16.38 -8.96
N LEU B 293 -5.13 -15.28 -9.47
CA LEU B 293 -5.41 -15.21 -10.89
C LEU B 293 -4.15 -14.88 -11.69
N ARG B 294 -3.42 -13.86 -11.27
CA ARG B 294 -2.31 -13.35 -12.06
C ARG B 294 -0.98 -14.05 -11.78
N ARG B 295 -0.75 -14.54 -10.56
CA ARG B 295 0.53 -15.14 -10.19
C ARG B 295 0.31 -16.51 -9.55
N PRO B 296 -0.25 -17.46 -10.30
CA PRO B 296 -0.59 -18.75 -9.68
C PRO B 296 0.61 -19.47 -9.10
N GLU B 297 1.84 -19.12 -9.50
CA GLU B 297 3.00 -19.70 -8.83
C GLU B 297 3.11 -19.22 -7.38
N ARG B 298 2.41 -18.14 -7.01
CA ARG B 298 2.36 -17.68 -5.63
C ARG B 298 1.09 -18.13 -4.94
N ALA B 299 0.43 -19.16 -5.44
CA ALA B 299 -0.83 -19.58 -4.84
C ALA B 299 -0.65 -20.01 -3.39
N GLY B 300 0.48 -20.63 -3.07
CA GLY B 300 0.73 -21.05 -1.70
C GLY B 300 0.82 -19.88 -0.73
N LEU B 301 1.56 -18.84 -1.12
CA LEU B 301 1.63 -17.62 -0.32
C LEU B 301 0.28 -16.94 -0.19
N ALA B 302 -0.47 -16.88 -1.29
CA ALA B 302 -1.76 -16.20 -1.26
C ALA B 302 -2.72 -16.91 -0.34
N ARG B 303 -2.76 -18.24 -0.42
CA ARG B 303 -3.58 -19.02 0.50
C ARG B 303 -3.10 -18.85 1.94
N GLN B 304 -1.79 -18.85 2.15
CA GLN B 304 -1.30 -18.62 3.51
C GLN B 304 -1.74 -17.27 4.06
N PHE B 305 -1.64 -16.22 3.23
CA PHE B 305 -2.06 -14.89 3.66
C PHE B 305 -3.51 -14.89 4.13
N HIS B 306 -4.44 -15.42 3.31
CA HIS B 306 -5.86 -15.41 3.68
C HIS B 306 -6.13 -16.26 4.91
N GLN B 307 -5.58 -17.49 4.95
CA GLN B 307 -5.82 -18.40 6.07
C GLN B 307 -5.37 -17.79 7.39
N GLN B 308 -4.18 -17.20 7.40
CA GLN B 308 -3.65 -16.62 8.62
C GLN B 308 -4.43 -15.38 9.02
N ARG B 309 -4.81 -14.54 8.05
CA ARG B 309 -5.58 -13.35 8.38
C ARG B 309 -6.94 -13.74 8.96
N ILE B 310 -7.65 -14.66 8.30
CA ILE B 310 -8.94 -15.13 8.78
C ILE B 310 -8.82 -15.69 10.18
N GLU B 311 -7.77 -16.50 10.43
CA GLU B 311 -7.60 -17.10 11.75
C GLU B 311 -7.40 -16.04 12.83
N GLN B 312 -6.61 -15.01 12.52
CA GLN B 312 -6.36 -14.00 13.55
C GLN B 312 -7.58 -13.12 13.76
N LEU B 313 -8.34 -12.81 12.69
CA LEU B 313 -9.58 -12.08 12.87
C LEU B 313 -10.55 -12.85 13.72
N PHE B 314 -10.71 -14.14 13.40
CA PHE B 314 -11.61 -14.99 14.17
C PHE B 314 -11.19 -15.06 15.65
N LEU B 315 -9.91 -15.28 15.90
CA LEU B 315 -9.46 -15.41 17.29
C LEU B 315 -9.66 -14.11 18.04
N ARG B 316 -9.40 -12.98 17.39
CA ARG B 316 -9.64 -11.68 18.01
C ARG B 316 -11.10 -11.51 18.39
N PHE B 317 -12.01 -11.68 17.42
CA PHE B 317 -13.42 -11.45 17.74
C PHE B 317 -13.97 -12.52 18.69
N ALA B 318 -13.44 -13.73 18.64
CA ALA B 318 -13.89 -14.75 19.58
C ALA B 318 -13.44 -14.42 21.00
N ARG B 319 -12.23 -13.89 21.16
CA ARG B 319 -11.77 -13.52 22.50
C ARG B 319 -12.55 -12.31 23.04
N ILE B 320 -12.95 -11.40 22.16
CA ILE B 320 -13.79 -10.27 22.58
C ILE B 320 -15.10 -10.79 23.14
N GLY B 321 -15.72 -11.75 22.45
CA GLY B 321 -16.95 -12.31 22.96
C GLY B 321 -16.72 -13.04 24.27
N ARG B 322 -15.62 -13.79 24.34
CA ARG B 322 -15.29 -14.53 25.55
C ARG B 322 -15.20 -13.60 26.75
N ASP B 323 -14.60 -12.42 26.55
CA ASP B 323 -14.48 -11.47 27.66
C ASP B 323 -15.83 -10.92 28.07
N PHE B 324 -16.77 -10.80 27.13
CA PHE B 324 -18.13 -10.43 27.51
C PHE B 324 -18.75 -11.52 28.37
N TYR B 325 -18.61 -12.79 27.95
CA TYR B 325 -19.08 -13.88 28.80
C TYR B 325 -18.43 -13.80 30.18
N GLY B 326 -17.15 -13.43 30.24
CA GLY B 326 -16.43 -13.37 31.50
C GLY B 326 -16.89 -12.23 32.41
N GLN B 327 -17.51 -11.19 31.85
CA GLN B 327 -18.06 -10.11 32.67
C GLN B 327 -19.22 -10.59 33.53
N GLU B 328 -19.88 -11.67 33.13
CA GLU B 328 -20.93 -12.27 33.94
C GLU B 328 -20.27 -13.13 35.02
N GLN B 329 -20.10 -12.57 36.20
CA GLN B 329 -19.42 -13.30 37.26
C GLN B 329 -20.39 -13.98 38.22
N GLY B 330 -21.69 -13.89 37.96
CA GLY B 330 -22.67 -14.45 38.87
C GLY B 330 -23.25 -15.78 38.43
N ARG B 331 -22.51 -16.55 37.62
CA ARG B 331 -23.02 -17.82 37.12
C ARG B 331 -22.04 -18.95 37.37
N VAL B 332 -21.34 -18.93 38.49
CA VAL B 332 -20.38 -19.99 38.76
C VAL B 332 -21.14 -21.32 38.87
N GLY B 333 -20.61 -22.35 38.20
CA GLY B 333 -21.24 -23.66 38.16
C GLY B 333 -22.22 -23.88 37.02
N GLN B 334 -22.60 -22.84 36.29
CA GLN B 334 -23.50 -23.00 35.15
C GLN B 334 -22.69 -23.40 33.92
N PRO B 335 -22.90 -24.59 33.36
CA PRO B 335 -22.04 -25.02 32.22
C PRO B 335 -22.14 -24.12 30.99
N PHE B 336 -23.29 -23.48 30.73
CA PHE B 336 -23.37 -22.58 29.57
C PHE B 336 -22.29 -21.52 29.64
N TRP B 337 -22.12 -20.91 30.81
CA TRP B 337 -21.18 -19.82 30.99
C TRP B 337 -19.75 -20.36 31.13
N ALA B 338 -19.59 -21.43 31.91
CA ALA B 338 -18.26 -22.01 32.11
C ALA B 338 -17.61 -22.39 30.79
N ARG B 339 -18.40 -22.97 29.88
CA ARG B 339 -17.86 -23.43 28.61
C ARG B 339 -17.48 -22.29 27.68
N ARG B 340 -18.04 -21.10 27.87
CA ARG B 340 -17.76 -19.99 26.97
C ARG B 340 -16.84 -18.94 27.57
N GLN B 341 -16.60 -18.98 28.88
CA GLN B 341 -15.67 -18.04 29.51
C GLN B 341 -14.20 -18.41 29.28
N GLY B 342 -13.91 -19.65 28.91
CA GLY B 342 -12.55 -20.06 28.58
C GLY B 342 -12.35 -20.45 27.14
N TRP B 343 -13.27 -20.12 26.24
CA TRP B 343 -13.10 -20.50 24.86
C TRP B 343 -12.90 -19.25 24.01
N PRO B 344 -11.94 -19.25 23.05
CA PRO B 344 -11.13 -20.38 22.57
C PRO B 344 -9.87 -20.69 23.38
N ASP B 345 -9.49 -19.78 24.28
CA ASP B 345 -8.32 -19.96 25.13
C ASP B 345 -8.40 -18.87 26.19
N MET B 346 -7.34 -18.75 27.00
CA MET B 346 -7.31 -17.69 28.00
C MET B 346 -6.30 -16.60 27.69
N GLN B 347 -5.89 -16.48 26.44
CA GLN B 347 -4.95 -15.43 26.09
C GLN B 347 -5.59 -14.07 26.26
N ALA B 348 -4.93 -13.23 27.06
CA ALA B 348 -5.44 -11.89 27.29
C ALA B 348 -5.41 -11.07 26.01
N LEU B 349 -6.43 -10.26 25.81
CA LEU B 349 -6.55 -9.45 24.61
C LEU B 349 -5.68 -8.20 24.67
N HIS B 350 -5.65 -7.52 25.82
CA HIS B 350 -4.89 -6.29 25.99
C HIS B 350 -3.75 -6.58 26.95
N VAL B 351 -2.52 -6.52 26.44
CA VAL B 351 -1.32 -6.81 27.23
C VAL B 351 -0.38 -5.62 27.09
N ALA B 352 0.39 -5.38 28.14
CA ALA B 352 1.39 -4.31 28.07
C ALA B 352 2.46 -4.69 27.06
N ALA B 353 2.97 -3.68 26.36
CA ALA B 353 4.03 -3.91 25.39
C ALA B 353 5.20 -4.61 26.07
N ASP B 354 5.81 -5.54 25.36
CA ASP B 354 6.84 -6.39 25.95
C ASP B 354 7.91 -6.54 24.87
N TRP B 355 9.01 -5.79 25.00
CA TRP B 355 10.06 -5.86 23.99
C TRP B 355 10.59 -7.29 23.89
N SER B 356 10.73 -7.96 25.03
CA SER B 356 11.29 -9.30 25.03
C SER B 356 10.42 -10.28 24.26
N ALA B 357 9.18 -9.90 23.93
CA ALA B 357 8.31 -10.76 23.15
C ALA B 357 8.27 -10.40 21.66
N VAL B 358 8.94 -9.33 21.23
CA VAL B 358 8.94 -8.92 19.81
C VAL B 358 9.75 -9.91 18.98
N ARG B 359 9.19 -10.34 17.84
CA ARG B 359 9.89 -11.32 17.00
C ARG B 359 9.77 -10.96 15.52
N VAL B 360 10.83 -11.22 14.77
CA VAL B 360 10.81 -11.03 13.33
C VAL B 360 10.39 -12.36 12.70
N GLU B 361 9.44 -12.30 11.78
CA GLU B 361 9.02 -13.51 11.07
C GLU B 361 8.86 -13.20 9.60
N ARG B 362 9.23 -14.15 8.75
N ARG B 362 9.28 -14.16 8.76
CA ARG B 362 8.95 -14.01 7.32
CA ARG B 362 8.97 -14.14 7.34
C ARG B 362 7.50 -14.39 7.09
C ARG B 362 7.50 -14.48 7.17
N ARG B 363 6.69 -13.44 6.64
N ARG B 363 6.74 -13.57 6.56
CA ARG B 363 5.25 -13.61 6.55
CA ARG B 363 5.30 -13.74 6.50
C ARG B 363 4.79 -13.17 5.17
C ARG B 363 4.79 -13.19 5.18
N PRO B 364 3.61 -13.62 4.73
CA PRO B 364 3.02 -13.04 3.53
C PRO B 364 2.65 -11.59 3.78
N VAL B 365 2.86 -10.74 2.79
CA VAL B 365 2.54 -9.32 2.89
C VAL B 365 1.86 -8.93 1.59
N LEU B 366 1.15 -7.80 1.61
CA LEU B 366 0.52 -7.25 0.40
C LEU B 366 1.44 -6.18 -0.15
N ARG B 367 1.82 -6.33 -1.41
CA ARG B 367 2.70 -5.37 -2.07
C ARG B 367 2.13 -5.08 -3.45
N ASP B 368 1.66 -3.85 -3.67
CA ASP B 368 1.19 -3.39 -4.97
C ASP B 368 0.15 -4.33 -5.59
N GLY B 369 -0.85 -4.71 -4.79
CA GLY B 369 -1.97 -5.53 -5.24
C GLY B 369 -1.70 -7.02 -5.40
N LEU B 370 -0.58 -7.51 -4.90
CA LEU B 370 -0.25 -8.92 -4.94
C LEU B 370 0.20 -9.37 -3.56
N VAL B 371 0.02 -10.65 -3.26
CA VAL B 371 0.63 -11.20 -2.07
C VAL B 371 2.09 -11.50 -2.36
N ASP B 372 2.98 -10.97 -1.52
CA ASP B 372 4.42 -11.22 -1.55
C ASP B 372 4.81 -11.82 -0.20
N GLU B 373 6.12 -11.88 0.05
CA GLU B 373 6.67 -12.36 1.31
C GLU B 373 7.75 -11.41 1.80
N ALA B 374 7.81 -11.17 3.11
CA ALA B 374 8.87 -10.33 3.64
C ALA B 374 9.01 -10.59 5.12
N GLU B 375 10.16 -10.19 5.67
CA GLU B 375 10.30 -10.26 7.12
C GLU B 375 9.54 -9.09 7.74
N VAL B 376 8.71 -9.40 8.74
CA VAL B 376 7.86 -8.42 9.41
C VAL B 376 8.07 -8.57 10.91
N VAL B 377 7.64 -7.57 11.64
CA VAL B 377 7.86 -7.54 13.07
C VAL B 377 6.54 -7.87 13.75
N VAL B 378 6.51 -9.03 14.42
CA VAL B 378 5.32 -9.53 15.09
C VAL B 378 5.36 -9.11 16.56
N THR B 379 4.23 -8.61 17.05
CA THR B 379 4.02 -8.24 18.45
C THR B 379 2.76 -8.92 18.97
N ALA B 380 2.55 -8.84 20.28
CA ALA B 380 1.31 -9.40 20.85
C ALA B 380 0.07 -8.73 20.25
N ASP B 381 0.12 -7.41 20.07
CA ASP B 381 -1.02 -6.68 19.51
C ASP B 381 -1.15 -6.90 18.00
N GLN B 382 -0.04 -7.18 17.29
CA GLN B 382 -0.04 -7.35 15.85
C GLN B 382 0.50 -8.74 15.52
N PRO B 383 -0.29 -9.79 15.76
CA PRO B 383 0.17 -11.14 15.41
C PRO B 383 0.44 -11.32 13.92
N LEU B 384 -0.19 -10.55 13.05
CA LEU B 384 0.15 -10.66 11.63
C LEU B 384 1.38 -9.86 11.26
N GLY B 385 1.84 -8.96 12.14
CA GLY B 385 3.12 -8.32 11.94
C GLY B 385 2.99 -6.95 11.32
N VAL B 386 4.03 -6.14 11.54
CA VAL B 386 4.17 -4.85 10.91
C VAL B 386 5.35 -4.95 9.96
N TRP B 387 5.10 -4.66 8.69
CA TRP B 387 6.17 -4.66 7.71
C TRP B 387 6.98 -3.38 7.75
N HIS B 388 6.32 -2.22 7.60
CA HIS B 388 7.06 -0.98 7.46
C HIS B 388 6.27 0.17 8.05
N LEU B 389 7.01 1.25 8.34
CA LEU B 389 6.45 2.54 8.72
C LEU B 389 6.85 3.54 7.65
N GLN B 390 5.87 3.97 6.85
CA GLN B 390 6.11 4.96 5.81
C GLN B 390 7.30 4.56 4.94
N GLY B 391 7.37 3.27 4.58
CA GLY B 391 8.37 2.78 3.67
C GLY B 391 9.65 2.28 4.32
N VAL B 392 9.82 2.51 5.62
CA VAL B 392 10.99 2.02 6.34
C VAL B 392 10.66 0.62 6.85
N GLU B 393 11.34 -0.40 6.31
CA GLU B 393 11.18 -1.75 6.83
C GLU B 393 11.72 -1.83 8.26
N LEU B 394 10.89 -2.34 9.18
CA LEU B 394 11.30 -2.40 10.59
C LEU B 394 12.16 -3.62 10.91
N ALA B 395 11.99 -4.73 10.19
CA ALA B 395 12.66 -5.97 10.56
C ALA B 395 14.19 -5.84 10.58
N PRO B 396 14.84 -5.22 9.58
CA PRO B 396 16.31 -5.13 9.66
C PRO B 396 16.77 -4.39 10.91
N ALA B 397 16.06 -3.34 11.31
CA ALA B 397 16.42 -2.61 12.52
C ALA B 397 16.23 -3.47 13.76
N VAL B 398 15.11 -4.19 13.82
CA VAL B 398 14.84 -5.04 14.99
C VAL B 398 15.88 -6.16 15.09
N ARG B 399 16.25 -6.77 13.96
CA ARG B 399 17.31 -7.78 13.96
C ARG B 399 18.59 -7.22 14.58
N GLU B 400 19.00 -6.04 14.13
CA GLU B 400 20.27 -5.48 14.64
C GLU B 400 20.16 -5.21 16.12
N LEU B 401 19.04 -4.60 16.56
CA LEU B 401 18.85 -4.36 17.98
C LEU B 401 18.93 -5.66 18.77
N GLN B 402 18.33 -6.73 18.24
CA GLN B 402 18.28 -7.98 18.98
C GLN B 402 19.63 -8.67 18.98
N ALA B 403 20.50 -8.32 18.05
CA ALA B 403 21.87 -8.80 18.06
C ALA B 403 22.78 -7.88 18.87
N GLY B 404 22.22 -6.89 19.56
CA GLY B 404 22.97 -6.07 20.50
C GLY B 404 23.53 -4.79 19.96
N ARG B 405 23.21 -4.44 18.72
CA ARG B 405 23.69 -3.18 18.15
C ARG B 405 23.00 -2.00 18.81
N PRO B 406 23.74 -0.93 19.15
CA PRO B 406 23.11 0.25 19.76
C PRO B 406 22.11 0.92 18.83
N LEU B 407 21.05 1.44 19.44
CA LEU B 407 19.98 2.10 18.71
C LEU B 407 20.50 3.20 17.79
N GLU B 408 21.42 4.04 18.30
CA GLU B 408 21.89 5.16 17.48
C GLU B 408 22.54 4.68 16.19
N ALA B 409 23.37 3.62 16.26
CA ALA B 409 23.95 3.10 15.03
C ALA B 409 22.88 2.50 14.12
N VAL B 410 21.87 1.84 14.72
CA VAL B 410 20.85 1.16 13.95
C VAL B 410 20.10 2.13 13.04
N VAL B 411 19.75 3.32 13.56
CA VAL B 411 18.95 4.24 12.78
C VAL B 411 19.78 5.32 12.07
N SER B 412 21.12 5.26 12.18
CA SER B 412 21.96 6.37 11.73
C SER B 412 21.87 6.64 10.23
N GLY B 413 21.56 5.62 9.43
CA GLY B 413 21.40 5.85 8.01
C GLY B 413 20.04 6.35 7.56
N LEU B 414 19.14 6.62 8.48
CA LEU B 414 17.83 7.17 8.15
C LEU B 414 17.85 8.68 8.29
N SER B 415 16.92 9.34 7.59
CA SER B 415 16.73 10.77 7.78
C SER B 415 16.30 11.05 9.23
N GLY B 416 16.48 12.30 9.64
CA GLY B 416 16.11 12.67 10.99
C GLY B 416 14.65 12.39 11.29
N GLU B 417 13.78 12.70 10.33
CA GLU B 417 12.35 12.44 10.51
C GLU B 417 12.08 10.93 10.65
N GLN B 418 12.77 10.09 9.86
CA GLN B 418 12.58 8.65 9.98
C GLN B 418 13.19 8.12 11.27
N GLN B 419 14.34 8.67 11.69
CA GLN B 419 14.94 8.25 12.95
C GLN B 419 13.97 8.45 14.10
N ARG B 420 13.33 9.63 14.16
CA ARG B 420 12.39 9.88 15.25
C ARG B 420 11.17 8.99 15.14
N MET B 421 10.66 8.75 13.93
CA MET B 421 9.52 7.86 13.74
C MET B 421 9.84 6.43 14.22
N VAL B 422 11.01 5.91 13.84
CA VAL B 422 11.37 4.55 14.24
C VAL B 422 11.64 4.48 15.74
N ARG B 423 12.40 5.45 16.26
CA ARG B 423 12.64 5.51 17.71
C ARG B 423 11.34 5.47 18.48
N ARG B 424 10.36 6.27 18.05
CA ARG B 424 9.10 6.35 18.78
C ARG B 424 8.38 5.00 18.77
N TRP B 425 8.29 4.37 17.59
CA TRP B 425 7.67 3.04 17.52
C TRP B 425 8.37 2.04 18.44
N LEU B 426 9.71 2.07 18.49
CA LEU B 426 10.40 1.08 19.30
C LEU B 426 10.12 1.28 20.79
N LEU B 427 10.15 2.52 21.26
CA LEU B 427 9.76 2.77 22.65
C LEU B 427 8.35 2.27 22.92
N GLU B 428 7.43 2.52 21.99
CA GLU B 428 6.05 2.08 22.19
C GLU B 428 5.98 0.56 22.25
N GLN B 429 6.79 -0.13 21.47
CA GLN B 429 6.84 -1.58 21.59
C GLN B 429 7.63 -2.04 22.82
N GLY B 430 8.10 -1.10 23.64
CA GLY B 430 8.72 -1.46 24.91
C GLY B 430 10.22 -1.49 24.92
N LEU B 431 10.88 -0.94 23.91
CA LEU B 431 12.33 -1.00 23.86
C LEU B 431 12.93 -0.22 25.01
N VAL B 432 13.61 -0.93 25.91
CA VAL B 432 14.42 -0.45 27.04
C VAL B 432 14.27 1.03 27.34
#